data_4OWJ
#
_entry.id   4OWJ
#
_cell.length_a   75.833
_cell.length_b   118.214
_cell.length_c   149.302
_cell.angle_alpha   90.000
_cell.angle_beta   90.000
_cell.angle_gamma   90.000
#
_symmetry.space_group_name_H-M   'P 21 21 21'
#
loop_
_entity.id
_entity.type
_entity.pdbx_description
1 polymer Cytolysin
2 non-polymer GLYCEROL
3 water water
#
_entity_poly.entity_id   1
_entity_poly.type   'polypeptide(L)'
_entity_poly.pdbx_seq_one_letter_code
;GSAMAHVTLQSLSNNDLCLDVYGENGDKTVAGGSVNGWSCHGSWNQVWGLDKEERYRSRVASDRCLTVNADKTLTVEQCG
ANLAQKWYWEGDKLISRYVDGNNTRYLLNIVGGRNVQVTPENEANQARWKPTLQQVKL
;
_entity_poly.pdbx_strand_id   A,B,C,D,E,F,G
#
# COMPACT_ATOMS: atom_id res chain seq x y z
N MET A 4 0.25 21.72 23.91
CA MET A 4 -1.16 21.59 23.54
C MET A 4 -1.60 22.71 22.61
N ALA A 5 -2.30 22.33 21.54
CA ALA A 5 -2.66 23.30 20.50
C ALA A 5 -3.98 23.96 20.82
N HIS A 6 -4.00 25.29 20.75
CA HIS A 6 -5.19 26.04 21.10
C HIS A 6 -5.99 26.42 19.86
N VAL A 7 -7.29 26.27 19.95
CA VAL A 7 -8.17 26.42 18.80
C VAL A 7 -9.42 27.20 19.16
N THR A 8 -10.04 27.81 18.15
CA THR A 8 -11.43 28.19 18.22
C THR A 8 -12.26 27.03 17.65
N LEU A 9 -13.49 26.89 18.15
CA LEU A 9 -14.41 25.87 17.65
C LEU A 9 -15.53 26.56 16.88
N GLN A 10 -15.38 26.66 15.57
CA GLN A 10 -16.35 27.37 14.74
C GLN A 10 -17.31 26.39 14.05
N SER A 11 -18.59 26.71 14.11
CA SER A 11 -19.60 25.95 13.38
C SER A 11 -19.38 26.02 11.89
N LEU A 12 -19.56 24.89 11.23
CA LEU A 12 -19.63 24.86 9.76
C LEU A 12 -21.09 24.76 9.34
N SER A 13 -22.00 24.84 10.32
CA SER A 13 -23.44 24.75 10.07
C SER A 13 -24.14 26.13 10.17
N ASN A 14 -23.37 27.17 10.48
CA ASN A 14 -23.88 28.53 10.66
C ASN A 14 -22.79 29.45 10.21
N ASN A 15 -23.13 30.48 9.45
CA ASN A 15 -22.09 31.31 8.85
C ASN A 15 -21.21 32.08 9.84
N ASP A 16 -21.65 32.21 11.10
CA ASP A 16 -20.84 32.88 12.11
C ASP A 16 -21.25 32.49 13.53
N LEU A 17 -20.70 31.39 14.02
CA LEU A 17 -20.95 30.96 15.39
C LEU A 17 -19.77 30.16 15.88
N CYS A 18 -19.26 30.56 17.04
CA CYS A 18 -18.18 29.87 17.71
C CYS A 18 -18.60 29.42 19.11
N LEU A 19 -17.99 28.36 19.61
CA LEU A 19 -18.27 27.92 20.97
C LEU A 19 -17.65 28.90 21.99
N ASP A 20 -18.47 29.36 22.93
CA ASP A 20 -18.17 30.56 23.70
C ASP A 20 -18.55 30.35 25.19
N VAL A 21 -17.65 30.68 26.10
CA VAL A 21 -17.95 30.63 27.54
C VAL A 21 -18.66 31.93 27.90
N TYR A 22 -19.96 31.83 28.16
CA TYR A 22 -20.77 32.96 28.61
C TYR A 22 -20.43 33.35 30.04
N GLY A 23 -20.22 32.33 30.86
CA GLY A 23 -20.02 32.51 32.28
C GLY A 23 -21.31 32.58 33.06
N GLU A 24 -21.27 33.32 34.16
CA GLU A 24 -22.45 33.56 34.99
C GLU A 24 -22.31 34.97 35.51
N ASN A 25 -23.22 35.84 35.09
CA ASN A 25 -23.35 37.20 35.62
C ASN A 25 -22.14 38.10 35.28
N GLY A 26 -21.59 37.95 34.08
CA GLY A 26 -20.47 38.77 33.63
C GLY A 26 -19.12 38.08 33.78
N ASP A 27 -19.00 37.25 34.81
CA ASP A 27 -17.74 36.57 35.13
C ASP A 27 -17.55 35.34 34.26
N LYS A 28 -16.57 35.38 33.36
CA LYS A 28 -16.32 34.28 32.43
C LYS A 28 -15.49 33.15 33.05
N THR A 29 -14.98 33.35 34.26
CA THR A 29 -13.99 32.43 34.80
C THR A 29 -14.60 31.45 35.78
N VAL A 30 -15.87 31.63 36.11
CA VAL A 30 -16.44 30.89 37.22
C VAL A 30 -16.70 29.43 36.81
N ALA A 31 -16.39 28.54 37.74
CA ALA A 31 -16.82 27.15 37.65
C ALA A 31 -18.35 27.08 37.55
N GLY A 32 -18.85 26.29 36.60
CA GLY A 32 -20.29 26.19 36.41
C GLY A 32 -20.80 27.18 35.37
N GLY A 33 -19.91 28.00 34.82
CA GLY A 33 -20.29 29.00 33.85
C GLY A 33 -20.85 28.38 32.57
N SER A 34 -21.92 28.98 32.07
CA SER A 34 -22.60 28.50 30.91
C SER A 34 -21.73 28.59 29.63
N VAL A 35 -21.92 27.64 28.73
CA VAL A 35 -21.25 27.61 27.42
C VAL A 35 -22.32 27.57 26.33
N ASN A 36 -22.19 28.45 25.35
CA ASN A 36 -23.15 28.45 24.25
C ASN A 36 -22.48 29.07 23.00
N GLY A 37 -23.30 29.50 22.04
CA GLY A 37 -22.79 30.06 20.78
C GLY A 37 -22.72 31.56 20.82
N TRP A 38 -21.78 32.11 20.09
CA TRP A 38 -21.66 33.54 19.91
C TRP A 38 -20.94 33.81 18.60
N SER A 39 -21.00 35.03 18.11
CA SER A 39 -20.28 35.35 16.89
C SER A 39 -18.80 35.25 17.20
N CYS A 40 -18.02 34.84 16.21
CA CYS A 40 -16.63 34.49 16.43
C CYS A 40 -15.83 35.77 16.61
N HIS A 41 -15.07 35.84 17.69
CA HIS A 41 -14.15 36.95 17.87
C HIS A 41 -12.79 36.49 18.36
N GLY A 42 -12.71 35.28 18.89
CA GLY A 42 -11.42 34.69 19.22
C GLY A 42 -10.74 35.15 20.50
N SER A 43 -11.44 35.90 21.33
CA SER A 43 -10.97 36.22 22.68
C SER A 43 -10.81 34.94 23.49
N TRP A 44 -10.25 35.07 24.68
CA TRP A 44 -9.90 33.91 25.49
C TRP A 44 -11.10 33.02 25.78
N ASN A 45 -12.30 33.61 25.87
CA ASN A 45 -13.47 32.80 26.17
C ASN A 45 -14.03 32.07 24.93
N GLN A 46 -13.31 32.14 23.82
CA GLN A 46 -13.64 31.30 22.65
C GLN A 46 -12.47 30.39 22.26
N VAL A 47 -11.45 30.34 23.12
CA VAL A 47 -10.29 29.52 22.83
C VAL A 47 -10.30 28.28 23.72
N TRP A 48 -10.01 27.15 23.08
CA TRP A 48 -10.03 25.83 23.70
C TRP A 48 -8.77 25.02 23.37
N GLY A 49 -8.47 24.01 24.21
CA GLY A 49 -7.38 23.09 23.95
C GLY A 49 -7.77 21.68 24.38
N LEU A 50 -7.52 20.72 23.52
CA LEU A 50 -7.87 19.33 23.78
C LEU A 50 -6.69 18.67 24.51
N ASP A 51 -6.88 18.27 25.78
CA ASP A 51 -5.76 17.75 26.56
C ASP A 51 -5.63 16.24 26.37
N LYS A 52 -4.66 15.64 27.05
CA LYS A 52 -4.38 14.22 26.89
C LYS A 52 -5.54 13.31 27.30
N GLU A 53 -6.44 13.81 28.15
CA GLU A 53 -7.56 13.00 28.65
C GLU A 53 -8.84 13.23 27.86
N GLU A 54 -8.69 13.87 26.71
CA GLU A 54 -9.77 14.11 25.76
C GLU A 54 -10.73 15.21 26.23
N ARG A 55 -10.24 16.09 27.12
CA ARG A 55 -11.05 17.19 27.63
C ARG A 55 -10.74 18.48 26.89
N TYR A 56 -11.77 19.24 26.57
CA TYR A 56 -11.57 20.57 26.00
C TYR A 56 -11.50 21.60 27.08
N ARG A 57 -10.27 22.06 27.32
CA ARG A 57 -9.98 23.06 28.34
C ARG A 57 -10.16 24.46 27.77
N SER A 58 -10.89 25.31 28.48
CA SER A 58 -11.05 26.71 28.10
C SER A 58 -9.88 27.55 28.54
N ARG A 59 -9.54 28.55 27.75
CA ARG A 59 -8.49 29.49 28.12
C ARG A 59 -8.94 30.59 29.10
N VAL A 60 -10.20 30.60 29.53
CA VAL A 60 -10.65 31.66 30.45
C VAL A 60 -9.92 31.64 31.79
N ALA A 61 -9.60 30.44 32.28
CA ALA A 61 -8.90 30.28 33.54
C ALA A 61 -8.40 28.83 33.64
N SER A 62 -7.56 28.56 34.63
CA SER A 62 -7.15 27.18 34.87
C SER A 62 -8.33 26.29 35.26
N ASP A 63 -8.22 25.02 34.91
CA ASP A 63 -9.11 24.00 35.42
C ASP A 63 -10.57 24.27 35.06
N ARG A 64 -10.80 24.58 33.79
CA ARG A 64 -12.16 24.78 33.27
C ARG A 64 -12.36 23.92 32.02
N CYS A 65 -13.02 22.78 32.19
CA CYS A 65 -13.28 21.85 31.09
C CYS A 65 -14.73 21.89 30.61
N LEU A 66 -14.89 21.78 29.29
CA LEU A 66 -16.19 21.67 28.62
C LEU A 66 -16.94 20.42 29.06
N THR A 67 -18.16 20.62 29.56
CA THR A 67 -18.88 19.58 30.29
C THR A 67 -20.33 19.49 29.84
N VAL A 68 -20.70 18.26 29.47
CA VAL A 68 -22.07 17.89 29.23
C VAL A 68 -22.78 17.73 30.57
N ASN A 69 -23.85 18.50 30.74
CA ASN A 69 -24.73 18.37 31.88
C ASN A 69 -25.87 17.37 31.62
N ALA A 70 -26.53 16.97 32.71
CA ALA A 70 -27.63 16.01 32.66
C ALA A 70 -28.74 16.45 31.68
N ASP A 71 -29.02 17.75 31.60
CA ASP A 71 -30.05 18.23 30.68
C ASP A 71 -29.47 18.56 29.29
N LYS A 72 -28.22 18.21 29.06
CA LYS A 72 -27.58 18.26 27.74
C LYS A 72 -27.08 19.65 27.37
N THR A 73 -27.20 20.60 28.29
CA THR A 73 -26.55 21.89 28.11
C THR A 73 -25.07 21.76 28.45
N LEU A 74 -24.32 22.78 28.11
CA LEU A 74 -22.88 22.79 28.32
C LEU A 74 -22.45 23.84 29.34
N THR A 75 -21.51 23.45 30.18
CA THR A 75 -20.86 24.36 31.09
C THR A 75 -19.35 24.13 31.08
N VAL A 76 -18.61 25.01 31.76
CA VAL A 76 -17.24 24.71 32.14
C VAL A 76 -17.19 24.37 33.63
N GLU A 77 -16.43 23.32 33.94
CA GLU A 77 -16.32 22.79 35.30
C GLU A 77 -14.88 22.35 35.57
N GLN A 78 -14.55 22.20 36.85
CA GLN A 78 -13.30 21.58 37.26
C GLN A 78 -13.05 20.29 36.47
N CYS A 79 -11.81 20.06 36.09
CA CYS A 79 -11.49 18.95 35.21
C CYS A 79 -11.33 17.66 36.02
N GLY A 80 -11.96 16.61 35.53
CA GLY A 80 -11.96 15.33 36.20
C GLY A 80 -12.00 14.20 35.18
N ALA A 81 -12.41 13.01 35.63
CA ALA A 81 -12.37 11.79 34.80
C ALA A 81 -13.67 11.44 34.10
N ASN A 82 -14.74 12.21 34.33
CA ASN A 82 -16.06 11.82 33.87
C ASN A 82 -16.17 11.82 32.35
N LEU A 83 -16.88 10.85 31.79
CA LEU A 83 -17.00 10.81 30.31
C LEU A 83 -17.76 12.04 29.76
N ALA A 84 -18.49 12.74 30.63
CA ALA A 84 -19.21 13.94 30.24
C ALA A 84 -18.25 15.08 29.90
N GLN A 85 -16.97 14.91 30.21
CA GLN A 85 -15.94 15.88 29.84
C GLN A 85 -15.01 15.40 28.72
N LYS A 86 -15.30 14.24 28.13
CA LYS A 86 -14.43 13.69 27.09
C LYS A 86 -15.08 13.89 25.73
N TRP A 87 -14.24 14.30 24.79
CA TRP A 87 -14.65 14.65 23.43
C TRP A 87 -13.73 14.01 22.41
N TYR A 88 -14.30 13.59 21.28
CA TYR A 88 -13.50 13.14 20.14
C TYR A 88 -14.14 13.53 18.81
N TRP A 89 -13.29 13.69 17.81
CA TRP A 89 -13.71 14.06 16.47
C TRP A 89 -13.93 12.86 15.57
N GLU A 90 -14.98 12.91 14.76
CA GLU A 90 -15.12 12.08 13.55
C GLU A 90 -15.49 13.01 12.42
N GLY A 91 -14.55 13.24 11.51
CA GLY A 91 -14.73 14.24 10.47
C GLY A 91 -15.05 15.59 11.12
N ASP A 92 -16.13 16.23 10.72
CA ASP A 92 -16.47 17.55 11.30
C ASP A 92 -17.44 17.46 12.47
N LYS A 93 -17.64 16.25 12.98
CA LYS A 93 -18.50 16.00 14.14
C LYS A 93 -17.66 15.94 15.41
N LEU A 94 -18.13 16.62 16.43
CA LEU A 94 -17.48 16.65 17.72
C LEU A 94 -18.37 15.89 18.71
N ILE A 95 -17.87 14.72 19.12
CA ILE A 95 -18.72 13.74 19.81
C ILE A 95 -18.35 13.60 21.29
N SER A 96 -19.37 13.58 22.14
CA SER A 96 -19.21 13.35 23.56
C SER A 96 -19.11 11.86 23.87
N ARG A 97 -18.30 11.51 24.86
CA ARG A 97 -18.29 10.14 25.35
C ARG A 97 -19.40 9.87 26.38
N TYR A 98 -20.22 10.87 26.66
CA TYR A 98 -21.28 10.71 27.65
C TYR A 98 -22.22 9.55 27.35
N VAL A 99 -22.53 8.73 28.36
CA VAL A 99 -23.49 7.67 28.19
C VAL A 99 -24.73 7.89 29.03
N ASP A 100 -25.86 7.44 28.53
CA ASP A 100 -27.04 7.31 29.37
C ASP A 100 -27.88 6.15 28.89
N GLY A 101 -29.15 6.14 29.29
CA GLY A 101 -30.02 5.00 29.01
C GLY A 101 -30.66 5.01 27.64
N ASN A 102 -30.30 5.97 26.80
CA ASN A 102 -30.93 6.10 25.51
C ASN A 102 -30.20 5.36 24.38
N ASN A 103 -29.03 4.79 24.68
CA ASN A 103 -28.24 4.13 23.65
C ASN A 103 -27.96 5.06 22.46
N THR A 104 -27.25 6.15 22.69
CA THR A 104 -26.96 7.07 21.62
C THR A 104 -25.69 7.85 21.90
N ARG A 105 -25.05 8.26 20.83
CA ARG A 105 -23.97 9.19 20.93
C ARG A 105 -24.57 10.58 20.93
N TYR A 106 -23.99 11.47 21.71
CA TYR A 106 -24.40 12.87 21.70
C TYR A 106 -23.37 13.71 20.98
N LEU A 107 -23.84 14.54 20.03
CA LEU A 107 -23.00 15.39 19.20
C LEU A 107 -23.15 16.87 19.57
N LEU A 108 -22.06 17.61 19.61
CA LEU A 108 -22.11 19.07 19.67
C LEU A 108 -22.95 19.61 18.52
N ASN A 109 -23.96 20.41 18.81
CA ASN A 109 -25.04 20.73 17.88
C ASN A 109 -25.74 22.05 18.16
N ILE A 110 -26.11 22.78 17.12
CA ILE A 110 -26.96 23.96 17.26
C ILE A 110 -28.41 23.49 17.12
N VAL A 111 -29.25 23.76 18.11
CA VAL A 111 -30.61 23.23 18.06
C VAL A 111 -31.60 24.28 17.62
N GLY A 112 -31.55 25.45 18.24
CA GLY A 112 -32.61 26.41 18.07
C GLY A 112 -31.99 27.77 17.96
N GLY A 113 -32.20 28.39 16.81
CA GLY A 113 -31.52 29.61 16.47
C GLY A 113 -30.03 29.41 16.56
N ARG A 114 -29.48 29.90 17.67
CA ARG A 114 -28.05 29.85 17.93
C ARG A 114 -27.73 29.15 19.26
N ASN A 115 -28.65 28.36 19.77
CA ASN A 115 -28.41 27.70 21.06
C ASN A 115 -27.63 26.39 20.88
N VAL A 116 -26.47 26.29 21.51
CA VAL A 116 -25.62 25.12 21.41
C VAL A 116 -25.76 24.17 22.62
N GLN A 117 -25.84 22.87 22.31
CA GLN A 117 -25.91 21.82 23.31
C GLN A 117 -25.40 20.53 22.69
N VAL A 118 -25.62 19.40 23.35
CA VAL A 118 -25.41 18.13 22.67
C VAL A 118 -26.76 17.52 22.40
N THR A 119 -26.81 16.81 21.29
CA THR A 119 -28.02 16.31 20.68
C THR A 119 -27.78 14.87 20.23
N PRO A 120 -28.78 13.98 20.40
CA PRO A 120 -28.60 12.62 19.88
C PRO A 120 -28.22 12.64 18.40
N GLU A 121 -27.24 11.81 18.05
CA GLU A 121 -26.74 11.66 16.68
C GLU A 121 -27.86 11.67 15.65
N ASN A 122 -28.89 10.84 15.84
CA ASN A 122 -30.00 10.78 14.89
C ASN A 122 -30.90 12.03 14.83
N GLU A 123 -30.64 13.04 15.66
CA GLU A 123 -31.48 14.23 15.68
C GLU A 123 -30.69 15.52 15.37
N ALA A 124 -29.39 15.38 15.15
CA ALA A 124 -28.47 16.51 15.21
C ALA A 124 -28.37 17.13 13.82
N ASN A 125 -29.11 18.21 13.60
CA ASN A 125 -29.26 18.77 12.25
C ASN A 125 -28.22 19.83 11.87
N GLN A 126 -27.48 20.34 12.86
CA GLN A 126 -26.51 21.41 12.64
C GLN A 126 -25.28 21.15 13.49
N ALA A 127 -24.60 20.05 13.17
CA ALA A 127 -23.61 19.49 14.07
C ALA A 127 -22.20 19.51 13.45
N ARG A 128 -21.98 20.34 12.43
CA ARG A 128 -20.66 20.43 11.83
C ARG A 128 -19.78 21.49 12.50
N TRP A 129 -18.52 21.16 12.80
CA TRP A 129 -17.56 22.05 13.43
C TRP A 129 -16.17 21.97 12.83
N LYS A 130 -15.41 23.04 13.04
CA LYS A 130 -14.03 23.09 12.63
C LYS A 130 -13.12 23.64 13.72
N PRO A 131 -12.11 22.86 14.14
CA PRO A 131 -11.13 23.39 15.06
C PRO A 131 -10.07 24.16 14.31
N THR A 132 -9.94 25.43 14.67
CA THR A 132 -9.12 26.33 13.91
C THR A 132 -8.00 26.84 14.80
N LEU A 133 -6.75 26.58 14.43
CA LEU A 133 -5.60 26.97 15.23
C LEU A 133 -5.63 28.48 15.50
N GLN A 134 -5.34 28.87 16.74
CA GLN A 134 -5.40 30.29 17.14
C GLN A 134 -4.11 31.02 16.83
N MET B 4 2.60 33.66 2.56
CA MET B 4 1.41 33.52 1.72
C MET B 4 1.77 33.65 0.24
N ALA B 5 1.46 32.62 -0.54
CA ALA B 5 1.77 32.62 -1.95
C ALA B 5 0.74 33.44 -2.70
N HIS B 6 1.20 34.30 -3.59
CA HIS B 6 0.29 35.13 -4.37
C HIS B 6 0.03 34.52 -5.73
N VAL B 7 -1.26 34.45 -6.08
CA VAL B 7 -1.70 33.75 -7.28
C VAL B 7 -2.72 34.54 -8.08
N THR B 8 -2.81 34.24 -9.38
CA THR B 8 -4.02 34.53 -10.14
C THR B 8 -4.90 33.32 -10.06
N LEU B 9 -6.20 33.54 -10.24
CA LEU B 9 -7.20 32.48 -10.23
C LEU B 9 -7.73 32.40 -11.64
N GLN B 10 -7.09 31.54 -12.44
CA GLN B 10 -7.43 31.45 -13.84
C GLN B 10 -8.38 30.32 -14.08
N SER B 11 -9.45 30.60 -14.81
CA SER B 11 -10.39 29.56 -15.18
C SER B 11 -9.78 28.51 -16.09
N LEU B 12 -10.21 27.25 -15.89
CA LEU B 12 -9.90 26.20 -16.85
C LEU B 12 -11.15 25.82 -17.66
N SER B 13 -12.21 26.62 -17.52
CA SER B 13 -13.48 26.36 -18.20
C SER B 13 -13.78 27.43 -19.23
N ASN B 14 -12.83 28.34 -19.42
CA ASN B 14 -12.93 29.47 -20.35
C ASN B 14 -11.51 29.73 -20.82
N ASN B 15 -11.30 29.95 -22.11
CA ASN B 15 -9.94 30.05 -22.63
C ASN B 15 -9.10 31.22 -22.10
N ASP B 16 -9.73 32.25 -21.52
CA ASP B 16 -8.98 33.36 -20.97
C ASP B 16 -9.85 34.17 -20.01
N LEU B 17 -9.93 33.70 -18.78
CA LEU B 17 -10.64 34.43 -17.74
C LEU B 17 -9.96 34.17 -16.41
N CYS B 18 -9.80 35.26 -15.70
CA CYS B 18 -9.21 35.31 -14.38
C CYS B 18 -10.16 36.06 -13.46
N LEU B 19 -10.18 35.65 -12.19
CA LEU B 19 -11.01 36.31 -11.18
C LEU B 19 -10.47 37.71 -10.93
N ASP B 20 -11.33 38.71 -11.04
CA ASP B 20 -10.91 40.10 -11.23
C ASP B 20 -11.77 41.04 -10.36
N VAL B 21 -11.14 41.89 -9.56
CA VAL B 21 -11.87 42.90 -8.79
C VAL B 21 -12.17 44.07 -9.73
N TYR B 22 -13.45 44.22 -10.09
CA TYR B 22 -13.88 45.32 -10.94
C TYR B 22 -13.82 46.64 -10.19
N GLY B 23 -14.05 46.58 -8.88
CA GLY B 23 -14.08 47.78 -8.07
C GLY B 23 -15.33 48.59 -8.35
N GLU B 24 -15.23 49.90 -8.18
CA GLU B 24 -16.35 50.81 -8.41
C GLU B 24 -15.79 52.11 -8.96
N ASN B 25 -16.25 52.49 -10.15
CA ASN B 25 -15.81 53.70 -10.84
C ASN B 25 -14.32 53.77 -11.10
N GLY B 26 -13.67 52.63 -11.29
CA GLY B 26 -12.26 52.62 -11.67
C GLY B 26 -11.37 52.47 -10.45
N ASP B 27 -11.96 52.69 -9.29
CA ASP B 27 -11.30 52.47 -8.01
C ASP B 27 -11.43 51.00 -7.65
N LYS B 28 -10.34 50.25 -7.82
CA LYS B 28 -10.33 48.81 -7.54
C LYS B 28 -10.19 48.54 -6.05
N THR B 29 -10.04 49.59 -5.24
CA THR B 29 -9.67 49.39 -3.86
C THR B 29 -10.86 49.46 -2.91
N VAL B 30 -12.05 49.75 -3.41
CA VAL B 30 -13.16 50.09 -2.52
C VAL B 30 -13.78 48.87 -1.84
N ALA B 31 -14.11 49.01 -0.56
CA ALA B 31 -14.89 47.98 0.12
C ALA B 31 -16.24 47.86 -0.60
N GLY B 32 -16.69 46.63 -0.83
CA GLY B 32 -17.95 46.43 -1.51
C GLY B 32 -17.82 46.32 -3.03
N GLY B 33 -16.63 46.51 -3.56
CA GLY B 33 -16.42 46.42 -5.00
C GLY B 33 -16.69 45.03 -5.56
N SER B 34 -17.29 45.02 -6.74
CA SER B 34 -17.75 43.81 -7.36
C SER B 34 -16.52 42.98 -7.87
N VAL B 35 -16.69 41.67 -7.83
CA VAL B 35 -15.71 40.72 -8.33
C VAL B 35 -16.33 39.85 -9.43
N ASN B 36 -15.63 39.76 -10.54
CA ASN B 36 -16.12 39.05 -11.69
C ASN B 36 -14.93 38.55 -12.50
N GLY B 37 -15.14 38.23 -13.76
CA GLY B 37 -14.05 37.76 -14.60
C GLY B 37 -13.58 38.75 -15.65
N TRP B 38 -12.33 38.58 -16.06
CA TRP B 38 -11.70 39.42 -17.09
C TRP B 38 -10.59 38.62 -17.75
N SER B 39 -10.15 39.07 -18.91
CA SER B 39 -8.94 38.51 -19.52
C SER B 39 -7.79 38.64 -18.54
N CYS B 40 -6.95 37.61 -18.50
CA CYS B 40 -5.87 37.54 -17.54
C CYS B 40 -4.74 38.51 -17.85
N HIS B 41 -4.38 39.37 -16.90
CA HIS B 41 -3.21 40.23 -17.06
C HIS B 41 -2.32 40.29 -15.82
N GLY B 42 -2.80 39.78 -14.69
CA GLY B 42 -2.00 39.74 -13.47
C GLY B 42 -1.66 41.05 -12.77
N SER B 43 -2.33 42.15 -13.10
CA SER B 43 -2.26 43.34 -12.26
C SER B 43 -2.80 43.05 -10.84
N TRP B 44 -2.68 44.04 -9.95
CA TRP B 44 -3.05 43.84 -8.55
C TRP B 44 -4.47 43.34 -8.35
N ASN B 45 -5.39 43.82 -9.18
CA ASN B 45 -6.79 43.44 -9.02
C ASN B 45 -7.10 42.04 -9.54
N GLN B 46 -6.06 41.29 -9.90
CA GLN B 46 -6.20 39.86 -10.28
C GLN B 46 -5.29 38.94 -9.45
N VAL B 47 -4.65 39.52 -8.43
CA VAL B 47 -3.77 38.74 -7.56
C VAL B 47 -4.43 38.58 -6.21
N TRP B 48 -4.31 37.35 -5.72
CA TRP B 48 -4.97 36.85 -4.54
C TRP B 48 -4.00 36.03 -3.69
N GLY B 49 -4.26 36.00 -2.40
CA GLY B 49 -3.52 35.17 -1.48
C GLY B 49 -4.50 34.51 -0.52
N LEU B 50 -4.33 33.21 -0.31
CA LEU B 50 -5.13 32.45 0.64
C LEU B 50 -4.48 32.52 2.02
N ASP B 51 -5.19 33.07 3.01
CA ASP B 51 -4.59 33.31 4.32
C ASP B 51 -4.91 32.15 5.25
N LYS B 52 -4.35 32.22 6.46
CA LYS B 52 -4.43 31.10 7.39
C LYS B 52 -5.86 30.89 7.91
N GLU B 53 -6.73 31.87 7.70
CA GLU B 53 -8.14 31.71 8.08
C GLU B 53 -9.00 31.31 6.86
N GLU B 54 -8.32 30.86 5.79
CA GLU B 54 -8.96 30.39 4.55
C GLU B 54 -9.68 31.48 3.73
N ARG B 55 -9.26 32.73 3.92
CA ARG B 55 -9.80 33.85 3.16
C ARG B 55 -8.90 34.18 1.96
N TYR B 56 -9.50 34.51 0.82
CA TYR B 56 -8.75 34.97 -0.33
C TYR B 56 -8.69 36.49 -0.29
N ARG B 57 -7.51 37.00 0.07
CA ARG B 57 -7.22 38.41 0.15
C ARG B 57 -6.78 38.95 -1.19
N SER B 58 -7.37 40.05 -1.60
CA SER B 58 -7.03 40.67 -2.87
C SER B 58 -5.85 41.60 -2.70
N ARG B 59 -5.02 41.73 -3.73
CA ARG B 59 -3.85 42.63 -3.65
C ARG B 59 -4.20 44.09 -3.85
N VAL B 60 -5.46 44.39 -4.16
CA VAL B 60 -5.84 45.77 -4.50
C VAL B 60 -5.54 46.75 -3.37
N ALA B 61 -5.68 46.27 -2.15
CA ALA B 61 -5.57 47.11 -0.96
C ALA B 61 -5.60 46.22 0.27
N SER B 62 -5.23 46.75 1.42
CA SER B 62 -5.33 45.93 2.61
C SER B 62 -6.81 45.67 3.00
N ASP B 63 -7.04 44.56 3.70
CA ASP B 63 -8.35 44.24 4.28
C ASP B 63 -9.47 44.11 3.23
N ARG B 64 -9.19 43.37 2.16
CA ARG B 64 -10.16 43.14 1.11
C ARG B 64 -10.22 41.64 0.78
N CYS B 65 -11.19 40.96 1.36
CA CYS B 65 -11.40 39.53 1.19
C CYS B 65 -12.55 39.19 0.26
N LEU B 66 -12.35 38.16 -0.52
CA LEU B 66 -13.35 37.64 -1.41
C LEU B 66 -14.55 37.09 -0.64
N THR B 67 -15.72 37.58 -1.00
CA THR B 67 -16.91 37.43 -0.18
C THR B 67 -18.13 37.01 -0.97
N VAL B 68 -18.76 35.94 -0.51
CA VAL B 68 -20.04 35.49 -1.04
C VAL B 68 -21.15 36.31 -0.40
N ASN B 69 -22.02 36.85 -1.24
CA ASN B 69 -23.18 37.62 -0.77
C ASN B 69 -24.45 36.77 -0.75
N ALA B 70 -25.51 37.31 -0.15
CA ALA B 70 -26.72 36.52 0.06
C ALA B 70 -27.33 36.07 -1.27
N ASP B 71 -27.04 36.81 -2.35
CA ASP B 71 -27.56 36.46 -3.67
C ASP B 71 -26.49 35.72 -4.47
N LYS B 72 -25.45 35.24 -3.81
CA LYS B 72 -24.36 34.45 -4.39
C LYS B 72 -23.42 35.25 -5.30
N THR B 73 -23.60 36.57 -5.38
CA THR B 73 -22.64 37.40 -6.10
C THR B 73 -21.41 37.59 -5.25
N LEU B 74 -20.31 37.98 -5.89
CA LEU B 74 -19.05 38.18 -5.20
C LEU B 74 -18.62 39.62 -5.09
N THR B 75 -18.11 39.97 -3.90
CA THR B 75 -17.49 41.28 -3.68
C THR B 75 -16.21 41.09 -2.90
N VAL B 76 -15.46 42.17 -2.74
CA VAL B 76 -14.41 42.22 -1.74
C VAL B 76 -14.93 43.07 -0.58
N GLU B 77 -14.69 42.60 0.64
CA GLU B 77 -15.18 43.26 1.88
C GLU B 77 -14.07 43.20 2.94
N GLN B 78 -14.21 44.02 3.97
CA GLN B 78 -13.37 43.93 5.16
C GLN B 78 -13.35 42.44 5.63
N CYS B 79 -12.20 42.00 6.10
CA CYS B 79 -11.98 40.59 6.43
C CYS B 79 -12.47 40.31 7.85
N GLY B 80 -13.22 39.22 8.00
CA GLY B 80 -13.77 38.81 9.28
C GLY B 80 -13.78 37.29 9.39
N ALA B 81 -14.66 36.77 10.26
CA ALA B 81 -14.70 35.35 10.60
C ALA B 81 -15.82 34.61 9.87
N ASN B 82 -16.66 35.34 9.12
CA ASN B 82 -17.82 34.72 8.48
C ASN B 82 -17.45 33.62 7.43
N LEU B 83 -18.20 32.53 7.40
CA LEU B 83 -17.93 31.45 6.45
C LEU B 83 -18.06 31.95 5.01
N ALA B 84 -18.76 33.08 4.82
CA ALA B 84 -18.95 33.63 3.46
C ALA B 84 -17.64 34.10 2.85
N GLN B 85 -16.62 34.22 3.70
CA GLN B 85 -15.28 34.57 3.25
C GLN B 85 -14.29 33.41 3.29
N LYS B 86 -14.75 32.21 3.60
CA LYS B 86 -13.85 31.04 3.65
C LYS B 86 -13.98 30.14 2.42
N TRP B 87 -12.81 29.71 1.93
CA TRP B 87 -12.67 28.97 0.70
C TRP B 87 -11.73 27.79 0.92
N TYR B 88 -12.00 26.67 0.25
CA TYR B 88 -11.04 25.57 0.21
C TYR B 88 -11.06 24.86 -1.16
N TRP B 89 -9.94 24.26 -1.50
CA TRP B 89 -9.79 23.58 -2.80
C TRP B 89 -10.13 22.09 -2.69
N GLU B 90 -10.73 21.54 -3.75
CA GLU B 90 -10.82 20.10 -3.98
C GLU B 90 -10.49 19.90 -5.44
N GLY B 91 -9.27 19.47 -5.74
CA GLY B 91 -8.83 19.38 -7.13
C GLY B 91 -8.90 20.76 -7.75
N ASP B 92 -9.52 20.90 -8.91
CA ASP B 92 -9.57 22.21 -9.54
C ASP B 92 -10.85 22.98 -9.14
N LYS B 93 -11.54 22.51 -8.10
CA LYS B 93 -12.75 23.21 -7.64
C LYS B 93 -12.42 24.07 -6.42
N LEU B 94 -12.96 25.29 -6.41
CA LEU B 94 -12.77 26.23 -5.31
C LEU B 94 -14.14 26.43 -4.65
N ILE B 95 -14.23 25.94 -3.41
CA ILE B 95 -15.50 25.74 -2.73
C ILE B 95 -15.62 26.71 -1.58
N SER B 96 -16.79 27.33 -1.49
CA SER B 96 -17.13 28.25 -0.41
C SER B 96 -17.63 27.48 0.80
N ARG B 97 -17.35 27.99 2.00
CA ARG B 97 -17.92 27.39 3.22
C ARG B 97 -19.28 27.99 3.53
N TYR B 98 -19.77 28.85 2.64
CA TYR B 98 -21.02 29.54 2.88
C TYR B 98 -22.16 28.55 3.08
N VAL B 99 -22.99 28.83 4.07
CA VAL B 99 -24.13 28.01 4.40
C VAL B 99 -25.44 28.70 4.07
N ASP B 100 -26.28 27.99 3.33
CA ASP B 100 -27.69 28.31 3.19
C ASP B 100 -28.39 27.15 3.90
N GLY B 101 -29.70 26.98 3.72
CA GLY B 101 -30.38 25.90 4.42
C GLY B 101 -30.15 24.49 3.86
N ASN B 102 -29.76 24.41 2.59
CA ASN B 102 -29.96 23.22 1.78
C ASN B 102 -28.90 22.11 1.87
N ASN B 103 -27.90 22.26 2.74
CA ASN B 103 -26.73 21.37 2.72
C ASN B 103 -25.92 21.50 1.41
N THR B 104 -26.27 22.51 0.60
CA THR B 104 -25.62 22.72 -0.69
C THR B 104 -24.20 23.22 -0.49
N ARG B 105 -23.25 22.65 -1.22
CA ARG B 105 -21.94 23.27 -1.38
C ARG B 105 -21.98 24.20 -2.61
N TYR B 106 -21.50 25.42 -2.42
CA TYR B 106 -21.41 26.41 -3.51
C TYR B 106 -19.98 26.50 -4.01
N LEU B 107 -19.81 26.40 -5.33
CA LEU B 107 -18.53 26.48 -6.03
C LEU B 107 -18.35 27.78 -6.83
N LEU B 108 -17.14 28.32 -6.80
CA LEU B 108 -16.79 29.43 -7.71
C LEU B 108 -17.02 29.00 -9.17
N ASN B 109 -17.81 29.79 -9.90
CA ASN B 109 -18.33 29.31 -11.17
C ASN B 109 -18.63 30.47 -12.10
N ILE B 110 -18.33 30.29 -13.38
CA ILE B 110 -18.71 31.25 -14.39
C ILE B 110 -20.17 31.01 -14.75
N VAL B 111 -20.98 32.05 -14.64
CA VAL B 111 -22.42 31.97 -14.94
C VAL B 111 -22.83 32.85 -16.14
N GLY B 112 -21.99 32.89 -17.15
CA GLY B 112 -22.34 33.61 -18.36
C GLY B 112 -21.42 34.76 -18.61
N GLY B 113 -20.89 34.82 -19.83
CA GLY B 113 -19.99 35.89 -20.22
C GLY B 113 -18.83 35.95 -19.25
N ARG B 114 -18.62 37.13 -18.66
CA ARG B 114 -17.58 37.33 -17.65
C ARG B 114 -18.15 37.39 -16.25
N ASN B 115 -19.40 36.98 -16.08
CA ASN B 115 -20.01 36.93 -14.75
C ASN B 115 -19.55 35.72 -13.95
N VAL B 116 -18.99 35.96 -12.78
CA VAL B 116 -18.54 34.88 -11.90
C VAL B 116 -19.25 35.02 -10.56
N GLN B 117 -19.78 33.90 -10.06
CA GLN B 117 -20.58 33.88 -8.82
C GLN B 117 -20.26 32.54 -8.13
N VAL B 118 -20.99 32.14 -7.08
CA VAL B 118 -20.92 30.76 -6.63
C VAL B 118 -22.24 30.11 -7.00
N THR B 119 -22.15 28.81 -7.30
CA THR B 119 -23.24 28.04 -7.87
C THR B 119 -23.30 26.69 -7.12
N PRO B 120 -24.52 26.17 -6.87
CA PRO B 120 -24.59 24.84 -6.25
C PRO B 120 -23.79 23.82 -7.06
N GLU B 121 -23.08 22.99 -6.31
CA GLU B 121 -22.15 22.03 -6.85
C GLU B 121 -22.72 21.23 -8.01
N ASN B 122 -23.97 20.76 -7.88
CA ASN B 122 -24.58 19.92 -8.91
C ASN B 122 -24.86 20.68 -10.23
N GLU B 123 -24.91 22.00 -10.15
CA GLU B 123 -25.20 22.86 -11.30
C GLU B 123 -23.98 23.53 -11.88
N ALA B 124 -22.84 23.46 -11.18
CA ALA B 124 -21.71 24.31 -11.55
C ALA B 124 -20.94 23.74 -12.77
N ASN B 125 -21.23 24.24 -13.95
CA ASN B 125 -20.67 23.67 -15.19
C ASN B 125 -19.37 24.31 -15.68
N GLN B 126 -19.00 25.44 -15.09
CA GLN B 126 -17.81 26.17 -15.54
C GLN B 126 -17.00 26.58 -14.31
N ALA B 127 -16.69 25.58 -13.49
CA ALA B 127 -16.20 25.81 -12.14
C ALA B 127 -14.77 25.28 -11.93
N ARG B 128 -14.01 25.10 -13.01
CA ARG B 128 -12.63 24.63 -12.90
C ARG B 128 -11.71 25.84 -12.82
N TRP B 129 -10.73 25.81 -11.92
CA TRP B 129 -9.85 26.95 -11.69
C TRP B 129 -8.45 26.43 -11.43
N LYS B 130 -7.47 27.25 -11.79
CA LYS B 130 -6.08 26.96 -11.51
C LYS B 130 -5.45 28.12 -10.74
N PRO B 131 -5.01 27.86 -9.50
CA PRO B 131 -4.31 28.89 -8.76
C PRO B 131 -2.90 28.97 -9.28
N THR B 132 -2.54 30.11 -9.87
CA THR B 132 -1.36 30.23 -10.71
C THR B 132 -0.37 31.20 -10.08
N LEU B 133 0.80 30.70 -9.69
CA LEU B 133 1.79 31.51 -9.00
C LEU B 133 2.19 32.72 -9.85
N GLN B 134 2.41 33.86 -9.19
CA GLN B 134 2.80 35.08 -9.89
C GLN B 134 4.32 35.20 -9.93
N MET C 4 14.11 23.71 -17.53
CA MET C 4 13.24 23.32 -18.64
C MET C 4 13.96 22.38 -19.61
N ALA C 5 13.39 21.19 -19.77
CA ALA C 5 14.00 20.16 -20.59
C ALA C 5 13.62 20.34 -22.06
N HIS C 6 14.63 20.46 -22.93
CA HIS C 6 14.40 20.54 -24.36
C HIS C 6 14.12 19.16 -24.91
N VAL C 7 13.01 19.03 -25.62
CA VAL C 7 12.63 17.75 -26.20
C VAL C 7 12.20 17.91 -27.65
N THR C 8 12.31 16.81 -28.39
CA THR C 8 11.50 16.66 -29.58
C THR C 8 10.21 15.97 -29.16
N LEU C 9 9.18 16.18 -29.94
CA LEU C 9 7.89 15.56 -29.75
C LEU C 9 7.67 14.61 -30.91
N GLN C 10 8.02 13.36 -30.65
CA GLN C 10 8.00 12.35 -31.68
C GLN C 10 6.75 11.48 -31.58
N SER C 11 6.09 11.27 -32.70
CA SER C 11 4.92 10.40 -32.77
C SER C 11 5.26 8.91 -32.52
N LEU C 12 4.37 8.23 -31.78
CA LEU C 12 4.44 6.77 -31.65
C LEU C 12 3.34 6.14 -32.52
N SER C 13 2.71 6.99 -33.33
CA SER C 13 1.63 6.54 -34.22
C SER C 13 2.07 6.56 -35.69
N ASN C 14 3.31 6.95 -35.93
CA ASN C 14 3.90 7.04 -37.26
C ASN C 14 5.37 6.72 -37.09
N ASN C 15 5.94 5.97 -38.01
CA ASN C 15 7.30 5.47 -37.81
C ASN C 15 8.39 6.54 -37.80
N ASP C 16 8.08 7.71 -38.38
CA ASP C 16 9.04 8.80 -38.34
C ASP C 16 8.32 10.13 -38.55
N LEU C 17 7.72 10.64 -37.48
CA LEU C 17 7.10 11.95 -37.52
C LEU C 17 7.38 12.68 -36.23
N CYS C 18 7.91 13.91 -36.36
CA CYS C 18 8.10 14.81 -35.22
C CYS C 18 7.32 16.12 -35.43
N LEU C 19 6.87 16.71 -34.33
CA LEU C 19 6.16 17.99 -34.40
C LEU C 19 7.14 19.08 -34.82
N ASP C 20 6.78 19.82 -35.87
CA ASP C 20 7.77 20.61 -36.60
C ASP C 20 7.21 21.99 -36.92
N VAL C 21 8.00 23.03 -36.67
CA VAL C 21 7.56 24.36 -37.08
C VAL C 21 7.88 24.57 -38.57
N TYR C 22 6.84 24.55 -39.41
CA TYR C 22 7.01 24.81 -40.84
C TYR C 22 7.34 26.27 -41.10
N GLY C 23 6.78 27.15 -40.27
CA GLY C 23 6.95 28.58 -40.46
C GLY C 23 6.06 29.11 -41.57
N GLU C 24 6.52 30.18 -42.22
CA GLU C 24 5.86 30.71 -43.41
C GLU C 24 6.94 31.22 -44.36
N ASN C 25 7.13 30.50 -45.46
CA ASN C 25 8.02 30.88 -46.55
C ASN C 25 9.51 30.56 -46.35
N GLY C 26 9.80 29.63 -45.45
CA GLY C 26 11.18 29.25 -45.15
C GLY C 26 11.67 29.90 -43.87
N ASP C 27 11.03 30.99 -43.47
CA ASP C 27 11.33 31.57 -42.18
C ASP C 27 10.58 30.79 -41.11
N LYS C 28 11.32 30.06 -40.28
CA LYS C 28 10.72 29.26 -39.21
C LYS C 28 10.43 30.11 -37.96
N THR C 29 10.86 31.37 -37.97
CA THR C 29 10.81 32.17 -36.75
C THR C 29 9.55 33.02 -36.59
N VAL C 30 8.76 33.14 -37.65
CA VAL C 30 7.70 34.16 -37.69
C VAL C 30 6.51 33.79 -36.80
N ALA C 31 5.94 34.79 -36.13
CA ALA C 31 4.72 34.58 -35.37
C ALA C 31 3.62 34.18 -36.35
N GLY C 32 2.76 33.25 -35.95
CA GLY C 32 1.73 32.75 -36.85
C GLY C 32 2.21 31.61 -37.75
N GLY C 33 3.48 31.23 -37.63
CA GLY C 33 4.02 30.13 -38.43
C GLY C 33 3.30 28.81 -38.18
N SER C 34 3.05 28.09 -39.27
CA SER C 34 2.36 26.82 -39.24
C SER C 34 3.18 25.76 -38.54
N VAL C 35 2.50 24.86 -37.83
CA VAL C 35 3.13 23.69 -37.21
C VAL C 35 2.45 22.42 -37.73
N ASN C 36 3.26 21.44 -38.13
CA ASN C 36 2.73 20.17 -38.62
C ASN C 36 3.76 19.06 -38.35
N GLY C 37 3.75 17.99 -39.13
CA GLY C 37 4.65 16.86 -38.93
C GLY C 37 5.77 16.84 -39.95
N TRP C 38 6.90 16.29 -39.57
CA TRP C 38 8.02 16.10 -40.48
C TRP C 38 8.83 14.90 -40.05
N SER C 39 9.64 14.34 -40.94
CA SER C 39 10.64 13.36 -40.53
C SER C 39 11.50 13.96 -39.42
N CYS C 40 11.94 13.14 -38.47
CA CYS C 40 12.60 13.67 -37.27
C CYS C 40 14.07 13.99 -37.55
N HIS C 41 14.47 15.23 -37.28
CA HIS C 41 15.88 15.57 -37.38
C HIS C 41 16.40 16.40 -36.20
N GLY C 42 15.52 16.93 -35.37
CA GLY C 42 15.97 17.55 -34.13
C GLY C 42 16.66 18.92 -34.24
N SER C 43 16.55 19.57 -35.40
CA SER C 43 16.97 20.96 -35.54
C SER C 43 16.06 21.82 -34.68
N TRP C 44 16.39 23.10 -34.58
CA TRP C 44 15.69 23.97 -33.63
C TRP C 44 14.18 24.03 -33.88
N ASN C 45 13.73 23.85 -35.13
CA ASN C 45 12.29 23.95 -35.40
C ASN C 45 11.55 22.65 -35.04
N GLN C 46 12.28 21.71 -34.44
CA GLN C 46 11.66 20.51 -33.89
C GLN C 46 11.91 20.33 -32.39
N VAL C 47 12.52 21.33 -31.78
CA VAL C 47 12.81 21.27 -30.36
C VAL C 47 11.88 22.19 -29.60
N TRP C 48 11.39 21.66 -28.48
CA TRP C 48 10.31 22.26 -27.71
C TRP C 48 10.63 22.23 -26.21
N GLY C 49 10.08 23.18 -25.46
CA GLY C 49 10.19 23.17 -24.02
C GLY C 49 8.89 23.54 -23.32
N LEU C 50 8.46 22.72 -22.35
CA LEU C 50 7.24 22.99 -21.59
C LEU C 50 7.54 23.92 -20.44
N ASP C 51 6.95 25.11 -20.43
CA ASP C 51 7.30 26.07 -19.40
C ASP C 51 6.37 25.96 -18.19
N LYS C 52 6.58 26.84 -17.22
CA LYS C 52 5.90 26.82 -15.93
C LYS C 52 4.40 27.12 -16.06
N GLU C 53 4.00 27.64 -17.22
CA GLU C 53 2.60 27.95 -17.46
C GLU C 53 1.97 26.93 -18.37
N GLU C 54 2.67 25.81 -18.57
CA GLU C 54 2.22 24.69 -19.40
C GLU C 54 2.22 24.95 -20.89
N ARG C 55 3.07 25.89 -21.32
CA ARG C 55 3.19 26.24 -22.73
C ARG C 55 4.36 25.50 -23.34
N TYR C 56 4.21 25.03 -24.56
CA TYR C 56 5.32 24.42 -25.25
C TYR C 56 5.99 25.50 -26.10
N ARG C 57 7.12 25.97 -25.61
CA ARG C 57 7.94 26.96 -26.31
C ARG C 57 8.84 26.29 -27.34
N SER C 58 8.87 26.84 -28.53
CA SER C 58 9.69 26.34 -29.63
C SER C 58 11.08 26.94 -29.55
N ARG C 59 12.10 26.24 -30.01
CA ARG C 59 13.45 26.80 -30.02
C ARG C 59 13.74 27.69 -31.24
N VAL C 60 12.79 27.87 -32.15
CA VAL C 60 13.11 28.62 -33.39
C VAL C 60 13.49 30.05 -33.09
N ALA C 61 12.94 30.60 -32.00
CA ALA C 61 13.10 32.01 -31.67
C ALA C 61 12.41 32.26 -30.34
N SER C 62 12.73 33.36 -29.67
CA SER C 62 12.08 33.63 -28.39
C SER C 62 10.58 33.93 -28.57
N ASP C 63 9.79 33.59 -27.55
CA ASP C 63 8.38 33.95 -27.50
C ASP C 63 7.55 33.31 -28.61
N ARG C 64 7.74 32.00 -28.83
CA ARG C 64 6.95 31.23 -29.80
C ARG C 64 6.39 29.98 -29.15
N CYS C 65 5.11 30.00 -28.81
CA CYS C 65 4.43 28.90 -28.13
C CYS C 65 3.46 28.19 -29.06
N LEU C 66 3.39 26.89 -28.91
CA LEU C 66 2.44 26.06 -29.65
C LEU C 66 0.99 26.40 -29.31
N THR C 67 0.25 26.77 -30.34
CA THR C 67 -1.07 27.37 -30.18
C THR C 67 -2.13 26.64 -31.01
N VAL C 68 -3.19 26.24 -30.32
CA VAL C 68 -4.37 25.73 -30.95
C VAL C 68 -5.16 26.88 -31.53
N ASN C 69 -5.45 26.81 -32.83
CA ASN C 69 -6.30 27.81 -33.44
C ASN C 69 -7.75 27.36 -33.43
N ALA C 70 -8.66 28.28 -33.69
CA ALA C 70 -10.09 28.00 -33.65
C ALA C 70 -10.47 26.89 -34.62
N ASP C 71 -9.79 26.82 -35.76
CA ASP C 71 -10.06 25.75 -36.74
C ASP C 71 -9.26 24.46 -36.43
N LYS C 72 -8.63 24.42 -35.27
CA LYS C 72 -7.95 23.22 -34.72
C LYS C 72 -6.58 22.96 -35.36
N THR C 73 -6.16 23.85 -36.25
CA THR C 73 -4.79 23.80 -36.74
C THR C 73 -3.84 24.39 -35.69
N LEU C 74 -2.57 24.10 -35.84
CA LEU C 74 -1.53 24.52 -34.92
C LEU C 74 -0.58 25.56 -35.52
N THR C 75 -0.24 26.56 -34.72
CA THR C 75 0.75 27.56 -35.07
C THR C 75 1.63 27.85 -33.88
N VAL C 76 2.67 28.64 -34.11
CA VAL C 76 3.42 29.25 -33.03
C VAL C 76 3.04 30.72 -32.97
N GLU C 77 2.81 31.19 -31.75
CA GLU C 77 2.37 32.56 -31.50
C GLU C 77 3.09 33.12 -30.27
N GLN C 78 3.03 34.44 -30.10
CA GLN C 78 3.53 35.09 -28.89
C GLN C 78 2.90 34.43 -27.67
N CYS C 79 3.68 34.32 -26.60
CA CYS C 79 3.23 33.53 -25.46
C CYS C 79 2.35 34.38 -24.55
N GLY C 80 1.18 33.85 -24.20
CA GLY C 80 0.24 34.55 -23.34
C GLY C 80 -0.49 33.58 -22.40
N ALA C 81 -1.66 34.00 -21.92
CA ALA C 81 -2.37 33.29 -20.86
C ALA C 81 -3.45 32.34 -21.39
N ASN C 82 -3.70 32.36 -22.69
CA ASN C 82 -4.82 31.61 -23.24
C ASN C 82 -4.68 30.09 -23.07
N LEU C 83 -5.79 29.41 -22.74
CA LEU C 83 -5.76 27.94 -22.61
C LEU C 83 -5.38 27.25 -23.94
N ALA C 84 -5.51 27.97 -25.05
CA ALA C 84 -5.14 27.41 -26.34
C ALA C 84 -3.64 27.17 -26.46
N GLN C 85 -2.88 27.69 -25.51
CA GLN C 85 -1.44 27.47 -25.45
C GLN C 85 -1.00 26.58 -24.30
N LYS C 86 -1.95 25.97 -23.60
CA LYS C 86 -1.59 25.14 -22.45
C LYS C 86 -1.76 23.66 -22.78
N TRP C 87 -0.79 22.86 -22.34
CA TRP C 87 -0.66 21.48 -22.74
C TRP C 87 -0.30 20.63 -21.54
N TYR C 88 -0.89 19.45 -21.45
CA TYR C 88 -0.51 18.52 -20.41
C TYR C 88 -0.54 17.08 -20.90
N TRP C 89 0.24 16.24 -20.22
CA TRP C 89 0.46 14.85 -20.62
C TRP C 89 -0.40 13.92 -19.82
N GLU C 90 -1.03 12.95 -20.51
CA GLU C 90 -1.67 11.79 -19.88
C GLU C 90 -1.17 10.54 -20.59
N GLY C 91 -0.22 9.83 -19.99
CA GLY C 91 0.48 8.78 -20.68
C GLY C 91 1.19 9.34 -21.91
N ASP C 92 0.93 8.72 -23.06
CA ASP C 92 1.52 9.20 -24.30
C ASP C 92 0.57 10.16 -25.05
N LYS C 93 -0.45 10.66 -24.36
CA LYS C 93 -1.37 11.60 -24.97
C LYS C 93 -0.97 13.00 -24.54
N LEU C 94 -0.94 13.91 -25.52
CA LEU C 94 -0.61 15.29 -25.29
C LEU C 94 -1.88 16.09 -25.49
N ILE C 95 -2.38 16.63 -24.38
CA ILE C 95 -3.72 17.16 -24.30
C ILE C 95 -3.72 18.70 -24.15
N SER C 96 -4.53 19.35 -24.99
CA SER C 96 -4.72 20.79 -24.96
C SER C 96 -5.71 21.16 -23.87
N ARG C 97 -5.54 22.33 -23.25
CA ARG C 97 -6.53 22.83 -22.27
C ARG C 97 -7.62 23.67 -22.95
N TYR C 98 -7.56 23.71 -24.29
CA TYR C 98 -8.50 24.49 -25.08
C TYR C 98 -9.93 24.03 -24.86
N VAL C 99 -10.84 24.97 -24.67
CA VAL C 99 -12.24 24.63 -24.50
C VAL C 99 -13.08 25.28 -25.56
N ASP C 100 -14.21 24.66 -25.91
CA ASP C 100 -15.19 25.33 -26.76
C ASP C 100 -16.61 24.85 -26.38
N GLY C 101 -17.55 24.95 -27.32
CA GLY C 101 -18.91 24.47 -27.07
C GLY C 101 -19.00 22.98 -26.77
N ASN C 102 -18.18 22.17 -27.44
CA ASN C 102 -18.18 20.73 -27.23
C ASN C 102 -17.55 20.33 -25.90
N ASN C 103 -18.26 19.51 -25.11
CA ASN C 103 -17.72 19.02 -23.84
C ASN C 103 -16.68 17.92 -24.05
N THR C 104 -15.58 18.29 -24.69
CA THR C 104 -14.55 17.35 -25.08
C THR C 104 -13.16 17.93 -24.88
N ARG C 105 -12.20 17.04 -24.67
CA ARG C 105 -10.79 17.39 -24.71
C ARG C 105 -10.27 17.23 -26.14
N TYR C 106 -9.32 18.07 -26.50
CA TYR C 106 -8.68 17.98 -27.80
C TYR C 106 -7.27 17.46 -27.61
N LEU C 107 -6.94 16.43 -28.40
CA LEU C 107 -5.64 15.78 -28.33
C LEU C 107 -4.82 16.08 -29.57
N LEU C 108 -3.53 16.29 -29.36
CA LEU C 108 -2.59 16.39 -30.45
C LEU C 108 -2.63 15.10 -31.25
N ASN C 109 -2.84 15.23 -32.56
CA ASN C 109 -3.22 14.11 -33.41
C ASN C 109 -2.80 14.28 -34.88
N ILE C 110 -2.32 13.19 -35.47
CA ILE C 110 -2.03 13.19 -36.89
C ILE C 110 -3.35 13.01 -37.61
N VAL C 111 -3.67 13.89 -38.56
CA VAL C 111 -4.95 13.81 -39.23
C VAL C 111 -4.81 13.43 -40.69
N GLY C 112 -3.66 12.93 -41.10
CA GLY C 112 -3.48 12.44 -42.45
C GLY C 112 -2.20 13.00 -43.04
N GLY C 113 -1.37 12.10 -43.56
CA GLY C 113 -0.08 12.50 -44.08
C GLY C 113 0.72 13.12 -42.96
N ARG C 114 1.25 14.33 -43.20
CA ARG C 114 2.05 15.02 -42.21
C ARG C 114 1.25 16.16 -41.55
N ASN C 115 -0.06 16.21 -41.80
CA ASN C 115 -0.91 17.19 -41.13
C ASN C 115 -1.12 16.80 -39.67
N VAL C 116 -0.72 17.68 -38.75
CA VAL C 116 -0.95 17.47 -37.32
C VAL C 116 -1.88 18.58 -36.82
N GLN C 117 -2.92 18.19 -36.07
CA GLN C 117 -3.88 19.16 -35.53
C GLN C 117 -4.26 18.70 -34.12
N VAL C 118 -5.28 19.32 -33.53
CA VAL C 118 -5.91 18.71 -32.36
C VAL C 118 -7.27 18.14 -32.78
N THR C 119 -7.61 17.00 -32.17
CA THR C 119 -8.79 16.23 -32.54
C THR C 119 -9.57 15.87 -31.29
N PRO C 120 -10.92 15.90 -31.35
CA PRO C 120 -11.67 15.43 -30.20
C PRO C 120 -11.18 14.06 -29.75
N GLU C 121 -11.09 13.89 -28.43
CA GLU C 121 -10.49 12.70 -27.83
C GLU C 121 -11.08 11.41 -28.43
N ASN C 122 -12.39 11.40 -28.61
CA ASN C 122 -13.10 10.21 -29.09
C ASN C 122 -12.67 9.78 -30.50
N GLU C 123 -12.11 10.70 -31.27
CA GLU C 123 -11.82 10.46 -32.68
C GLU C 123 -10.33 10.55 -32.95
N ALA C 124 -9.53 10.62 -31.89
CA ALA C 124 -8.10 10.85 -32.01
C ALA C 124 -7.36 9.52 -32.08
N ASN C 125 -7.06 9.05 -33.28
CA ASN C 125 -6.57 7.67 -33.45
C ASN C 125 -5.12 7.56 -33.90
N GLN C 126 -4.45 8.69 -34.06
CA GLN C 126 -3.01 8.75 -34.28
C GLN C 126 -2.39 9.76 -33.32
N ALA C 127 -2.66 9.57 -32.03
CA ALA C 127 -2.42 10.60 -31.05
C ALA C 127 -1.42 10.21 -29.96
N ARG C 128 -0.56 9.25 -30.26
CA ARG C 128 0.46 8.85 -29.30
C ARG C 128 1.74 9.65 -29.54
N TRP C 129 2.35 10.16 -28.46
CA TRP C 129 3.56 10.96 -28.57
C TRP C 129 4.54 10.62 -27.48
N LYS C 130 5.81 10.88 -27.76
CA LYS C 130 6.86 10.68 -26.77
C LYS C 130 7.70 11.95 -26.68
N PRO C 131 7.70 12.60 -25.51
CA PRO C 131 8.62 13.72 -25.36
C PRO C 131 10.02 13.17 -25.20
N THR C 132 10.88 13.46 -26.17
CA THR C 132 12.16 12.80 -26.29
C THR C 132 13.27 13.79 -26.00
N LEU C 133 14.00 13.51 -24.92
CA LEU C 133 15.11 14.34 -24.50
C LEU C 133 16.12 14.49 -25.63
N GLN C 134 16.59 15.72 -25.84
CA GLN C 134 17.48 16.03 -26.97
C GLN C 134 18.91 15.65 -26.62
N MET D 4 24.99 1.19 -20.04
CA MET D 4 24.32 0.24 -20.93
C MET D 4 24.67 -1.19 -20.57
N ALA D 5 23.66 -2.00 -20.27
CA ALA D 5 23.88 -3.38 -19.91
C ALA D 5 23.97 -4.22 -21.16
N HIS D 6 25.09 -4.89 -21.35
CA HIS D 6 25.24 -5.80 -22.47
C HIS D 6 24.66 -7.16 -22.16
N VAL D 7 23.78 -7.62 -23.05
CA VAL D 7 23.02 -8.84 -22.85
C VAL D 7 23.09 -9.69 -24.10
N THR D 8 22.81 -10.98 -23.91
CA THR D 8 22.37 -11.80 -25.03
C THR D 8 20.86 -11.83 -24.97
N LEU D 9 20.24 -12.07 -26.10
CA LEU D 9 18.79 -12.19 -26.16
C LEU D 9 18.47 -13.66 -26.44
N GLN D 10 18.28 -14.41 -25.36
CA GLN D 10 17.99 -15.84 -25.50
C GLN D 10 16.49 -16.13 -25.47
N SER D 11 16.05 -16.92 -26.43
CA SER D 11 14.69 -17.40 -26.45
C SER D 11 14.36 -18.30 -25.26
N LEU D 12 13.15 -18.12 -24.74
CA LEU D 12 12.53 -19.06 -23.78
C LEU D 12 11.50 -19.94 -24.46
N SER D 13 11.43 -19.83 -25.78
CA SER D 13 10.51 -20.59 -26.61
C SER D 13 11.23 -21.65 -27.42
N ASN D 14 12.54 -21.64 -27.35
CA ASN D 14 13.39 -22.60 -28.06
C ASN D 14 14.52 -23.01 -27.09
N ASN D 15 14.82 -24.29 -27.02
CA ASN D 15 15.77 -24.77 -26.02
C ASN D 15 17.21 -24.23 -26.17
N ASP D 16 17.55 -23.71 -27.34
CA ASP D 16 18.86 -23.07 -27.52
C ASP D 16 18.84 -22.19 -28.76
N LEU D 17 18.45 -20.93 -28.59
CA LEU D 17 18.46 -19.98 -29.69
C LEU D 17 18.63 -18.57 -29.11
N CYS D 18 19.62 -17.86 -29.66
CA CYS D 18 19.94 -16.48 -29.31
C CYS D 18 19.83 -15.61 -30.57
N LEU D 19 19.38 -14.37 -30.39
CA LEU D 19 19.34 -13.42 -31.50
C LEU D 19 20.76 -13.13 -31.97
N ASP D 20 20.98 -13.28 -33.27
CA ASP D 20 22.31 -13.39 -33.84
C ASP D 20 22.45 -12.61 -35.15
N VAL D 21 23.50 -11.80 -35.25
CA VAL D 21 23.73 -11.04 -36.49
C VAL D 21 24.42 -11.96 -37.49
N TYR D 22 23.71 -12.38 -38.53
CA TYR D 22 24.33 -13.31 -39.50
C TYR D 22 25.34 -12.56 -40.34
N GLY D 23 25.06 -11.30 -40.61
CA GLY D 23 25.92 -10.52 -41.47
C GLY D 23 25.60 -10.76 -42.94
N GLU D 24 26.65 -10.77 -43.74
CA GLU D 24 26.52 -10.97 -45.18
C GLU D 24 27.86 -11.45 -45.66
N ASN D 25 27.94 -12.73 -46.01
CA ASN D 25 29.15 -13.30 -46.58
C ASN D 25 30.28 -13.43 -45.56
N GLY D 26 29.92 -13.66 -44.30
CA GLY D 26 30.88 -13.86 -43.24
C GLY D 26 31.23 -12.60 -42.46
N ASP D 27 30.97 -11.44 -43.05
CA ASP D 27 31.22 -10.17 -42.38
C ASP D 27 30.00 -9.82 -41.53
N LYS D 28 30.20 -9.84 -40.21
CA LYS D 28 29.12 -9.57 -39.27
C LYS D 28 28.85 -8.07 -39.09
N THR D 29 29.76 -7.22 -39.56
CA THR D 29 29.72 -5.78 -39.27
C THR D 29 29.00 -4.95 -40.32
N VAL D 30 28.62 -5.59 -41.42
CA VAL D 30 28.07 -4.89 -42.56
C VAL D 30 26.72 -4.22 -42.24
N ALA D 31 26.56 -2.98 -42.71
CA ALA D 31 25.27 -2.31 -42.59
C ALA D 31 24.28 -3.05 -43.49
N GLY D 32 23.09 -3.33 -42.97
CA GLY D 32 22.10 -4.07 -43.72
C GLY D 32 22.23 -5.57 -43.52
N GLY D 33 23.15 -6.01 -42.66
CA GLY D 33 23.31 -7.42 -42.38
C GLY D 33 22.08 -8.09 -41.77
N SER D 34 21.84 -9.32 -42.16
CA SER D 34 20.68 -10.04 -41.70
C SER D 34 20.80 -10.44 -40.21
N VAL D 35 19.66 -10.48 -39.53
CA VAL D 35 19.59 -10.92 -38.16
C VAL D 35 18.59 -12.04 -38.03
N ASN D 36 19.02 -13.11 -37.38
CA ASN D 36 18.21 -14.28 -37.19
C ASN D 36 18.65 -14.99 -35.90
N GLY D 37 18.35 -16.27 -35.77
CA GLY D 37 18.72 -17.04 -34.60
C GLY D 37 19.83 -18.05 -34.79
N TRP D 38 20.52 -18.35 -33.70
CA TRP D 38 21.59 -19.33 -33.68
C TRP D 38 21.70 -19.93 -32.28
N SER D 39 22.42 -21.03 -32.17
CA SER D 39 22.76 -21.56 -30.86
C SER D 39 23.55 -20.50 -30.08
N CYS D 40 23.30 -20.40 -28.78
CA CYS D 40 23.91 -19.36 -27.97
C CYS D 40 25.38 -19.59 -27.70
N HIS D 41 26.21 -18.62 -28.09
CA HIS D 41 27.62 -18.63 -27.69
C HIS D 41 28.12 -17.30 -27.12
N GLY D 42 27.36 -16.23 -27.26
CA GLY D 42 27.71 -14.98 -26.62
C GLY D 42 28.93 -14.23 -27.15
N SER D 43 29.40 -14.60 -28.33
CA SER D 43 30.31 -13.74 -29.09
C SER D 43 29.63 -12.42 -29.42
N TRP D 44 30.40 -11.46 -29.93
CA TRP D 44 29.90 -10.11 -30.11
C TRP D 44 28.68 -9.99 -31.02
N ASN D 45 28.54 -10.87 -32.00
CA ASN D 45 27.37 -10.83 -32.86
C ASN D 45 26.09 -11.38 -32.21
N GLN D 46 26.18 -11.72 -30.93
CA GLN D 46 25.02 -12.10 -30.14
C GLN D 46 24.85 -11.19 -28.92
N VAL D 47 25.68 -10.15 -28.81
CA VAL D 47 25.55 -9.23 -27.67
C VAL D 47 24.91 -7.89 -28.09
N TRP D 48 23.96 -7.45 -27.26
CA TRP D 48 23.13 -6.31 -27.54
C TRP D 48 23.08 -5.37 -26.33
N GLY D 49 22.82 -4.09 -26.58
CA GLY D 49 22.67 -3.11 -25.51
C GLY D 49 21.53 -2.16 -25.83
N LEU D 50 20.62 -1.96 -24.86
CA LEU D 50 19.47 -1.10 -25.07
C LEU D 50 19.85 0.34 -24.73
N ASP D 51 19.80 1.25 -25.71
CA ASP D 51 20.23 2.63 -25.49
C ASP D 51 19.07 3.56 -25.06
N LYS D 52 19.39 4.81 -24.82
CA LYS D 52 18.44 5.78 -24.28
C LYS D 52 17.27 6.07 -25.23
N GLU D 53 17.46 5.74 -26.51
CA GLU D 53 16.42 5.94 -27.51
C GLU D 53 15.65 4.66 -27.79
N GLU D 54 15.85 3.65 -26.92
CA GLU D 54 15.18 2.35 -26.97
C GLU D 54 15.61 1.50 -28.15
N ARG D 55 16.81 1.76 -28.64
CA ARG D 55 17.37 0.97 -29.72
C ARG D 55 18.29 -0.11 -29.15
N TYR D 56 18.21 -1.29 -29.72
CA TYR D 56 19.15 -2.36 -29.45
C TYR D 56 20.37 -2.27 -30.40
N ARG D 57 21.48 -1.80 -29.85
CA ARG D 57 22.77 -1.74 -30.53
C ARG D 57 23.52 -3.06 -30.44
N SER D 58 23.99 -3.55 -31.57
CA SER D 58 24.76 -4.80 -31.60
C SER D 58 26.19 -4.46 -31.24
N ARG D 59 26.87 -5.39 -30.56
CA ARG D 59 28.28 -5.19 -30.25
C ARG D 59 29.20 -5.53 -31.42
N VAL D 60 28.66 -5.86 -32.59
CA VAL D 60 29.52 -6.21 -33.74
C VAL D 60 30.38 -5.05 -34.22
N ALA D 61 29.86 -3.84 -34.06
CA ALA D 61 30.47 -2.64 -34.60
C ALA D 61 29.63 -1.44 -34.18
N SER D 62 30.24 -0.26 -34.18
CA SER D 62 29.52 0.93 -33.79
C SER D 62 28.40 1.23 -34.79
N ASP D 63 27.32 1.80 -34.29
CA ASP D 63 26.23 2.31 -35.12
C ASP D 63 25.53 1.20 -35.90
N ARG D 64 25.16 0.14 -35.20
CA ARG D 64 24.46 -1.00 -35.78
C ARG D 64 23.25 -1.35 -34.92
N CYS D 65 22.08 -0.84 -35.31
CA CYS D 65 20.86 -1.02 -34.53
C CYS D 65 19.90 -2.06 -35.13
N LEU D 66 19.36 -2.87 -34.24
CA LEU D 66 18.35 -3.85 -34.59
C LEU D 66 17.12 -3.18 -35.22
N THR D 67 16.83 -3.59 -36.45
CA THR D 67 15.88 -2.87 -37.29
C THR D 67 14.85 -3.78 -37.93
N VAL D 68 13.59 -3.43 -37.72
CA VAL D 68 12.49 -4.10 -38.39
C VAL D 68 12.36 -3.51 -39.79
N ASN D 69 12.37 -4.39 -40.78
CA ASN D 69 12.13 -3.97 -42.15
C ASN D 69 10.66 -4.05 -42.48
N ALA D 70 10.29 -3.44 -43.60
CA ALA D 70 8.91 -3.40 -44.04
C ALA D 70 8.34 -4.82 -44.21
N ASP D 71 9.18 -5.76 -44.59
CA ASP D 71 8.71 -7.12 -44.77
C ASP D 71 8.78 -7.92 -43.46
N LYS D 72 9.02 -7.21 -42.35
CA LYS D 72 9.04 -7.78 -40.99
C LYS D 72 10.29 -8.65 -40.70
N THR D 73 11.24 -8.69 -41.62
CA THR D 73 12.54 -9.30 -41.35
C THR D 73 13.44 -8.36 -40.55
N LEU D 74 14.53 -8.88 -39.99
CA LEU D 74 15.41 -8.08 -39.15
C LEU D 74 16.79 -7.86 -39.74
N THR D 75 17.30 -6.65 -39.60
CA THR D 75 18.68 -6.35 -39.97
C THR D 75 19.33 -5.48 -38.90
N VAL D 76 20.63 -5.24 -39.04
CA VAL D 76 21.29 -4.16 -38.31
C VAL D 76 21.54 -3.04 -39.29
N GLU D 77 21.24 -1.81 -38.87
CA GLU D 77 21.38 -0.62 -39.74
C GLU D 77 21.92 0.53 -38.92
N GLN D 78 22.32 1.60 -39.59
CA GLN D 78 22.77 2.79 -38.91
C GLN D 78 21.66 3.30 -37.97
N CYS D 79 22.05 3.89 -36.85
CA CYS D 79 21.06 4.23 -35.83
C CYS D 79 20.42 5.57 -36.12
N GLY D 80 19.09 5.60 -36.06
CA GLY D 80 18.32 6.80 -36.34
C GLY D 80 17.10 6.89 -35.44
N ALA D 81 16.10 7.64 -35.88
CA ALA D 81 14.92 7.94 -35.05
C ALA D 81 13.70 7.08 -35.37
N ASN D 82 13.75 6.30 -36.43
CA ASN D 82 12.59 5.52 -36.84
C ASN D 82 12.10 4.56 -35.77
N LEU D 83 10.79 4.44 -35.65
CA LEU D 83 10.20 3.54 -34.67
C LEU D 83 10.57 2.08 -34.95
N ALA D 84 10.98 1.81 -36.19
CA ALA D 84 11.41 0.45 -36.58
C ALA D 84 12.67 -0.01 -35.84
N GLN D 85 13.32 0.91 -35.16
CA GLN D 85 14.52 0.62 -34.38
C GLN D 85 14.26 0.72 -32.88
N LYS D 86 13.01 0.92 -32.49
CA LYS D 86 12.69 1.04 -31.05
C LYS D 86 12.02 -0.21 -30.52
N TRP D 87 12.43 -0.59 -29.31
CA TRP D 87 12.06 -1.82 -28.69
C TRP D 87 11.74 -1.61 -27.22
N TYR D 88 10.74 -2.33 -26.74
CA TYR D 88 10.44 -2.34 -25.32
C TYR D 88 9.98 -3.69 -24.84
N TRP D 89 10.17 -3.93 -23.56
CA TRP D 89 9.82 -5.21 -22.94
C TRP D 89 8.46 -5.18 -22.26
N GLU D 90 7.68 -6.23 -22.43
CA GLU D 90 6.52 -6.50 -21.54
C GLU D 90 6.65 -7.92 -21.05
N GLY D 91 7.08 -8.12 -19.82
CA GLY D 91 7.37 -9.47 -19.32
C GLY D 91 8.48 -10.07 -20.17
N ASP D 92 8.27 -11.26 -20.71
CA ASP D 92 9.30 -11.86 -21.55
C ASP D 92 9.03 -11.62 -23.03
N LYS D 93 8.17 -10.63 -23.34
CA LYS D 93 7.91 -10.27 -24.73
C LYS D 93 8.75 -9.02 -25.11
N LEU D 94 9.36 -9.07 -26.28
CA LEU D 94 10.17 -7.98 -26.79
C LEU D 94 9.45 -7.43 -28.02
N ILE D 95 8.92 -6.23 -27.83
CA ILE D 95 7.94 -5.61 -28.70
C ILE D 95 8.56 -4.42 -29.46
N SER D 96 8.32 -4.39 -30.76
CA SER D 96 8.78 -3.31 -31.61
C SER D 96 7.76 -2.18 -31.55
N ARG D 97 8.25 -0.95 -31.67
CA ARG D 97 7.35 0.18 -31.79
C ARG D 97 6.93 0.43 -33.25
N TYR D 98 7.38 -0.44 -34.15
CA TYR D 98 6.97 -0.37 -35.55
C TYR D 98 5.44 -0.26 -35.73
N VAL D 99 5.00 0.66 -36.58
CA VAL D 99 3.59 0.87 -36.88
C VAL D 99 3.26 0.34 -38.29
N ASP D 100 2.29 -0.57 -38.41
CA ASP D 100 1.86 -1.09 -39.70
C ASP D 100 0.59 -0.39 -40.18
N GLY D 101 0.06 0.48 -39.34
CA GLY D 101 -1.19 1.16 -39.62
C GLY D 101 -2.36 0.28 -39.23
N ASN D 102 -2.05 -0.90 -38.70
CA ASN D 102 -3.05 -1.88 -38.32
C ASN D 102 -3.43 -1.79 -36.83
N ASN D 103 -2.66 -1.01 -36.08
CA ASN D 103 -2.74 -1.02 -34.61
C ASN D 103 -2.12 -2.32 -34.06
N THR D 104 -1.50 -3.09 -34.96
CA THR D 104 -0.85 -4.33 -34.63
C THR D 104 0.46 -4.10 -33.89
N ARG D 105 0.65 -4.81 -32.79
CA ARG D 105 1.92 -4.84 -32.13
C ARG D 105 2.74 -6.00 -32.67
N TYR D 106 3.95 -5.71 -33.12
CA TYR D 106 4.81 -6.74 -33.65
C TYR D 106 5.84 -7.17 -32.63
N LEU D 107 5.85 -8.48 -32.36
CA LEU D 107 6.71 -9.08 -31.34
C LEU D 107 7.86 -9.85 -31.96
N LEU D 108 9.05 -9.72 -31.39
CA LEU D 108 10.18 -10.55 -31.75
C LEU D 108 9.76 -12.01 -31.60
N ASN D 109 9.89 -12.76 -32.67
CA ASN D 109 9.28 -14.08 -32.73
C ASN D 109 10.04 -15.05 -33.61
N ILE D 110 10.16 -16.32 -33.17
CA ILE D 110 10.71 -17.36 -34.03
C ILE D 110 9.62 -17.85 -34.97
N VAL D 111 9.89 -17.79 -36.27
CA VAL D 111 8.86 -18.12 -37.24
C VAL D 111 9.10 -19.48 -37.88
N GLY D 112 10.26 -20.08 -37.62
CA GLY D 112 10.52 -21.44 -38.08
C GLY D 112 12.01 -21.72 -38.11
N GLY D 113 12.41 -22.89 -37.63
CA GLY D 113 13.82 -23.21 -37.55
C GLY D 113 14.55 -22.14 -36.77
N ARG D 114 15.57 -21.55 -37.40
CA ARG D 114 16.35 -20.48 -36.80
C ARG D 114 15.98 -19.13 -37.39
N ASN D 115 14.84 -19.04 -38.06
CA ASN D 115 14.37 -17.75 -38.59
C ASN D 115 13.66 -16.92 -37.51
N VAL D 116 14.13 -15.68 -37.31
CA VAL D 116 13.53 -14.81 -36.32
C VAL D 116 13.08 -13.54 -37.07
N GLN D 117 11.87 -13.11 -36.78
CA GLN D 117 11.28 -11.93 -37.42
C GLN D 117 10.46 -11.23 -36.36
N VAL D 118 9.65 -10.25 -36.75
CA VAL D 118 8.60 -9.79 -35.85
C VAL D 118 7.27 -10.22 -36.42
N THR D 119 6.32 -10.47 -35.54
CA THR D 119 5.10 -11.15 -35.89
C THR D 119 3.95 -10.49 -35.16
N PRO D 120 2.80 -10.33 -35.82
CA PRO D 120 1.64 -9.79 -35.11
C PRO D 120 1.40 -10.53 -33.79
N GLU D 121 1.14 -9.76 -32.75
CA GLU D 121 1.02 -10.28 -31.40
C GLU D 121 0.06 -11.46 -31.33
N ASN D 122 -1.10 -11.33 -31.97
CA ASN D 122 -2.15 -12.33 -31.91
C ASN D 122 -1.65 -13.71 -32.35
N GLU D 123 -0.58 -13.75 -33.14
CA GLU D 123 -0.05 -15.02 -33.62
C GLU D 123 1.44 -15.25 -33.33
N ALA D 124 1.98 -14.50 -32.38
CA ALA D 124 3.37 -14.66 -31.97
C ALA D 124 3.46 -15.84 -31.00
N ASN D 125 3.63 -17.05 -31.54
CA ASN D 125 3.58 -18.31 -30.78
C ASN D 125 4.92 -18.76 -30.18
N GLN D 126 6.01 -18.10 -30.57
CA GLN D 126 7.35 -18.48 -30.09
C GLN D 126 8.14 -17.22 -29.77
N ALA D 127 7.57 -16.39 -28.91
CA ALA D 127 8.02 -15.01 -28.77
C ALA D 127 8.43 -14.64 -27.35
N ARG D 128 8.80 -15.64 -26.56
CA ARG D 128 9.36 -15.40 -25.23
C ARG D 128 10.90 -15.23 -25.31
N TRP D 129 11.41 -14.23 -24.60
CA TRP D 129 12.84 -13.94 -24.60
C TRP D 129 13.31 -13.58 -23.22
N LYS D 130 14.60 -13.76 -22.99
CA LYS D 130 15.25 -13.39 -21.74
C LYS D 130 16.50 -12.60 -22.09
N PRO D 131 16.57 -11.33 -21.64
CA PRO D 131 17.79 -10.55 -21.79
C PRO D 131 18.76 -10.98 -20.72
N THR D 132 19.88 -11.55 -21.12
CA THR D 132 20.75 -12.26 -20.20
C THR D 132 22.08 -11.54 -20.08
N LEU D 133 22.38 -11.02 -18.88
CA LEU D 133 23.59 -10.25 -18.63
C LEU D 133 24.85 -11.02 -19.00
N GLN D 134 25.83 -10.33 -19.59
CA GLN D 134 27.04 -11.00 -20.06
C GLN D 134 28.20 -10.84 -19.09
N MET E 4 28.04 -19.00 -4.32
CA MET E 4 26.67 -19.49 -4.39
C MET E 4 26.15 -19.85 -3.01
N ALA E 5 24.83 -19.92 -2.90
CA ALA E 5 24.19 -20.51 -1.73
C ALA E 5 24.14 -22.00 -1.97
N HIS E 6 24.84 -22.79 -1.16
CA HIS E 6 24.87 -24.21 -1.40
C HIS E 6 23.78 -24.89 -0.63
N VAL E 7 22.99 -25.71 -1.32
CA VAL E 7 21.79 -26.27 -0.75
C VAL E 7 21.64 -27.76 -1.02
N THR E 8 20.90 -28.44 -0.14
CA THR E 8 20.30 -29.70 -0.51
C THR E 8 18.92 -29.35 -1.04
N LEU E 9 18.41 -30.22 -1.90
CA LEU E 9 17.07 -30.08 -2.46
C LEU E 9 16.20 -31.20 -1.88
N GLN E 10 15.53 -30.88 -0.77
CA GLN E 10 14.76 -31.90 -0.07
C GLN E 10 13.30 -31.81 -0.44
N SER E 11 12.69 -32.97 -0.68
CA SER E 11 11.26 -33.04 -0.92
C SER E 11 10.43 -32.71 0.31
N LEU E 12 9.30 -32.05 0.07
CA LEU E 12 8.28 -31.79 1.06
C LEU E 12 7.04 -32.64 0.74
N SER E 13 7.20 -33.53 -0.26
CA SER E 13 6.13 -34.45 -0.62
C SER E 13 6.45 -35.89 -0.18
N ASN E 14 7.60 -36.09 0.43
CA ASN E 14 8.07 -37.40 0.88
C ASN E 14 8.84 -37.18 2.19
N ASN E 15 8.64 -38.04 3.17
CA ASN E 15 9.14 -37.73 4.50
C ASN E 15 10.65 -37.74 4.58
N ASP E 16 11.32 -38.31 3.58
CA ASP E 16 12.77 -38.27 3.54
C ASP E 16 13.30 -38.60 2.15
N LEU E 17 13.40 -37.58 1.31
CA LEU E 17 14.00 -37.72 -0.01
C LEU E 17 14.68 -36.42 -0.39
N CYS E 18 15.92 -36.55 -0.84
CA CYS E 18 16.70 -35.44 -1.41
C CYS E 18 17.13 -35.79 -2.84
N LEU E 19 17.28 -34.77 -3.67
CA LEU E 19 17.81 -34.92 -5.01
C LEU E 19 19.30 -35.30 -4.96
N ASP E 20 19.63 -36.40 -5.63
CA ASP E 20 20.86 -37.11 -5.40
C ASP E 20 21.51 -37.52 -6.73
N VAL E 21 22.79 -37.22 -6.89
CA VAL E 21 23.53 -37.75 -8.04
C VAL E 21 23.94 -39.21 -7.79
N TYR E 22 23.31 -40.11 -8.54
CA TYR E 22 23.67 -41.52 -8.51
C TYR E 22 24.96 -41.78 -9.28
N GLY E 23 25.04 -41.15 -10.44
CA GLY E 23 26.13 -41.34 -11.38
C GLY E 23 25.87 -42.51 -12.30
N GLU E 24 26.95 -43.21 -12.62
CA GLU E 24 26.89 -44.45 -13.38
C GLU E 24 28.28 -45.07 -13.29
N ASN E 25 28.32 -46.40 -13.20
CA ASN E 25 29.59 -47.13 -13.02
C ASN E 25 30.08 -46.96 -11.58
N GLY E 26 29.19 -46.51 -10.70
CA GLY E 26 29.56 -46.25 -9.32
C GLY E 26 30.33 -44.95 -9.19
N ASP E 27 30.72 -44.37 -10.32
CA ASP E 27 31.38 -43.08 -10.34
C ASP E 27 30.32 -41.99 -10.31
N LYS E 28 30.38 -41.13 -9.30
CA LYS E 28 29.38 -40.08 -9.16
C LYS E 28 29.78 -38.81 -9.87
N THR E 29 31.00 -38.76 -10.42
CA THR E 29 31.49 -37.55 -11.06
C THR E 29 31.23 -37.54 -12.58
N VAL E 30 30.82 -38.67 -13.12
CA VAL E 30 30.84 -38.87 -14.57
C VAL E 30 29.74 -38.08 -15.28
N ALA E 31 30.06 -37.52 -16.43
CA ALA E 31 29.08 -36.77 -17.18
C ALA E 31 28.04 -37.75 -17.70
N GLY E 32 26.77 -37.37 -17.67
CA GLY E 32 25.71 -38.25 -18.13
C GLY E 32 25.24 -39.15 -17.00
N GLY E 33 25.75 -38.92 -15.80
CA GLY E 33 25.38 -39.73 -14.66
C GLY E 33 23.94 -39.43 -14.28
N SER E 34 23.28 -40.43 -13.75
CA SER E 34 21.87 -40.33 -13.40
C SER E 34 21.63 -39.50 -12.13
N VAL E 35 20.51 -38.76 -12.09
CA VAL E 35 20.07 -38.06 -10.90
C VAL E 35 18.70 -38.61 -10.50
N ASN E 36 18.55 -38.89 -9.21
CA ASN E 36 17.30 -39.41 -8.71
C ASN E 36 17.13 -39.08 -7.22
N GLY E 37 16.32 -39.86 -6.51
CA GLY E 37 16.04 -39.59 -5.09
C GLY E 37 16.79 -40.51 -4.17
N TRP E 38 17.14 -40.01 -2.99
CA TRP E 38 17.77 -40.81 -1.95
C TRP E 38 17.43 -40.22 -0.59
N SER E 39 17.56 -41.01 0.49
CA SER E 39 17.39 -40.44 1.81
C SER E 39 18.42 -39.30 2.00
N CYS E 40 18.07 -38.28 2.78
CA CYS E 40 18.90 -37.08 2.84
C CYS E 40 20.11 -37.33 3.71
N HIS E 41 21.31 -37.05 3.19
CA HIS E 41 22.49 -37.13 4.03
C HIS E 41 23.47 -35.96 3.83
N GLY E 42 23.25 -35.13 2.83
CA GLY E 42 24.09 -33.95 2.67
C GLY E 42 25.55 -34.14 2.26
N SER E 43 25.94 -35.35 1.89
CA SER E 43 27.21 -35.53 1.19
C SER E 43 27.22 -34.73 -0.13
N TRP E 44 28.38 -34.64 -0.78
CA TRP E 44 28.52 -33.71 -1.90
C TRP E 44 27.61 -34.05 -3.10
N ASN E 45 27.24 -35.33 -3.25
CA ASN E 45 26.34 -35.69 -4.36
C ASN E 45 24.87 -35.33 -4.08
N GLN E 46 24.62 -34.66 -2.95
CA GLN E 46 23.30 -34.09 -2.67
C GLN E 46 23.35 -32.56 -2.47
N VAL E 47 24.50 -31.94 -2.72
CA VAL E 47 24.68 -30.51 -2.57
C VAL E 47 24.70 -29.86 -3.97
N TRP E 48 23.96 -28.76 -4.07
CA TRP E 48 23.68 -28.05 -5.31
C TRP E 48 23.86 -26.55 -5.10
N GLY E 49 24.21 -25.84 -6.17
CA GLY E 49 24.27 -24.40 -6.13
C GLY E 49 23.67 -23.84 -7.42
N LEU E 50 22.76 -22.88 -7.27
CA LEU E 50 22.11 -22.27 -8.43
C LEU E 50 22.96 -21.10 -8.92
N ASP E 51 23.44 -21.18 -10.16
CA ASP E 51 24.36 -20.18 -10.66
C ASP E 51 23.60 -19.06 -11.38
N LYS E 52 24.33 -18.07 -11.88
CA LYS E 52 23.73 -16.84 -12.41
C LYS E 52 22.99 -17.10 -13.74
N GLU E 53 23.24 -18.27 -14.36
CA GLU E 53 22.54 -18.62 -15.59
C GLU E 53 21.39 -19.61 -15.29
N GLU E 54 21.05 -19.73 -14.00
CA GLU E 54 19.88 -20.49 -13.52
C GLU E 54 20.11 -21.99 -13.62
N ARG E 55 21.36 -22.41 -13.60
CA ARG E 55 21.69 -23.83 -13.63
C ARG E 55 21.98 -24.34 -12.22
N TYR E 56 21.56 -25.56 -11.92
CA TYR E 56 21.88 -26.16 -10.65
C TYR E 56 23.13 -27.01 -10.80
N ARG E 57 24.26 -26.49 -10.31
CA ARG E 57 25.53 -27.17 -10.37
C ARG E 57 25.69 -28.10 -9.19
N SER E 58 26.02 -29.37 -9.49
CA SER E 58 26.28 -30.37 -8.47
C SER E 58 27.68 -30.22 -7.90
N ARG E 59 27.83 -30.53 -6.62
CA ARG E 59 29.15 -30.48 -5.99
C ARG E 59 29.98 -31.74 -6.19
N VAL E 60 29.50 -32.71 -6.93
CA VAL E 60 30.28 -33.95 -7.13
C VAL E 60 31.59 -33.70 -7.86
N ALA E 61 31.57 -32.76 -8.78
CA ALA E 61 32.71 -32.43 -9.60
C ALA E 61 32.38 -31.15 -10.34
N SER E 62 33.41 -30.52 -10.88
CA SER E 62 33.22 -29.37 -11.74
C SER E 62 32.37 -29.68 -12.99
N ASP E 63 31.63 -28.68 -13.48
CA ASP E 63 30.92 -28.75 -14.76
C ASP E 63 29.88 -29.88 -14.84
N ARG E 64 29.06 -30.01 -13.81
CA ARG E 64 27.99 -30.99 -13.76
C ARG E 64 26.67 -30.32 -13.39
N CYS E 65 25.87 -30.00 -14.40
CA CYS E 65 24.61 -29.30 -14.20
C CYS E 65 23.45 -30.25 -14.30
N LEU E 66 22.43 -30.01 -13.47
CA LEU E 66 21.17 -30.74 -13.51
C LEU E 66 20.43 -30.49 -14.82
N THR E 67 20.13 -31.59 -15.51
CA THR E 67 19.69 -31.56 -16.90
C THR E 67 18.45 -32.40 -17.14
N VAL E 68 17.47 -31.77 -17.77
CA VAL E 68 16.28 -32.47 -18.24
C VAL E 68 16.56 -33.17 -19.58
N ASN E 69 16.27 -34.46 -19.65
CA ASN E 69 16.28 -35.19 -20.90
C ASN E 69 14.85 -35.29 -21.45
N ALA E 70 14.73 -35.50 -22.77
CA ALA E 70 13.43 -35.43 -23.43
C ALA E 70 12.41 -36.47 -22.96
N ASP E 71 12.88 -37.59 -22.37
CA ASP E 71 11.97 -38.58 -21.81
C ASP E 71 11.68 -38.28 -20.33
N LYS E 72 12.04 -37.06 -19.90
CA LYS E 72 11.79 -36.53 -18.55
C LYS E 72 12.76 -37.07 -17.48
N THR E 73 13.70 -37.92 -17.87
CA THR E 73 14.71 -38.38 -16.92
C THR E 73 15.75 -37.29 -16.68
N LEU E 74 16.41 -37.37 -15.53
CA LEU E 74 17.36 -36.37 -15.08
C LEU E 74 18.81 -36.89 -15.04
N THR E 75 19.73 -36.07 -15.52
CA THR E 75 21.15 -36.40 -15.46
C THR E 75 21.93 -35.17 -15.04
N VAL E 76 23.22 -35.37 -14.76
CA VAL E 76 24.18 -34.28 -14.77
C VAL E 76 24.98 -34.34 -16.07
N GLU E 77 25.19 -33.16 -16.66
CA GLU E 77 25.90 -33.02 -17.93
C GLU E 77 26.78 -31.76 -17.87
N GLN E 78 27.73 -31.67 -18.80
CA GLN E 78 28.51 -30.45 -18.95
C GLN E 78 27.57 -29.23 -19.06
N CYS E 79 27.98 -28.11 -18.49
CA CYS E 79 27.11 -26.94 -18.40
C CYS E 79 27.19 -26.10 -19.66
N GLY E 80 26.02 -25.72 -20.17
CA GLY E 80 25.95 -24.88 -21.37
C GLY E 80 24.73 -23.96 -21.29
N ALA E 81 24.21 -23.56 -22.45
CA ALA E 81 23.18 -22.53 -22.54
C ALA E 81 21.76 -23.09 -22.64
N ASN E 82 21.63 -24.42 -22.79
CA ASN E 82 20.33 -25.01 -23.08
C ASN E 82 19.29 -24.82 -21.97
N LEU E 83 18.06 -24.54 -22.36
CA LEU E 83 16.96 -24.37 -21.38
C LEU E 83 16.74 -25.63 -20.54
N ALA E 84 17.17 -26.80 -21.06
CA ALA E 84 17.05 -28.07 -20.33
C ALA E 84 17.84 -28.03 -19.04
N GLN E 85 18.77 -27.08 -18.91
CA GLN E 85 19.53 -26.92 -17.68
C GLN E 85 19.14 -25.71 -16.84
N LYS E 86 18.04 -25.03 -17.19
CA LYS E 86 17.64 -23.81 -16.45
C LYS E 86 16.46 -24.11 -15.56
N TRP E 87 16.56 -23.64 -14.31
CA TRP E 87 15.60 -23.90 -13.26
C TRP E 87 15.18 -22.61 -12.54
N TYR E 88 13.91 -22.53 -12.17
CA TYR E 88 13.42 -21.42 -11.36
C TYR E 88 12.34 -21.86 -10.40
N TRP E 89 12.25 -21.13 -9.30
CA TRP E 89 11.31 -21.45 -8.23
C TRP E 89 10.01 -20.66 -8.30
N GLU E 90 8.90 -21.34 -8.01
CA GLU E 90 7.63 -20.68 -7.71
C GLU E 90 7.12 -21.31 -6.42
N GLY E 91 7.28 -20.60 -5.31
CA GLY E 91 6.95 -21.16 -4.02
C GLY E 91 7.83 -22.39 -3.81
N ASP E 92 7.21 -23.54 -3.53
CA ASP E 92 7.99 -24.75 -3.26
C ASP E 92 8.08 -25.63 -4.50
N LYS E 93 7.71 -25.07 -5.65
CA LYS E 93 7.81 -25.77 -6.93
C LYS E 93 9.08 -25.36 -7.66
N LEU E 94 9.78 -26.36 -8.19
CA LEU E 94 11.02 -26.15 -8.91
C LEU E 94 10.78 -26.51 -10.37
N ILE E 95 10.85 -25.48 -11.20
CA ILE E 95 10.33 -25.57 -12.55
C ILE E 95 11.46 -25.51 -13.59
N SER E 96 11.43 -26.41 -14.56
CA SER E 96 12.35 -26.35 -15.70
C SER E 96 11.94 -25.34 -16.76
N ARG E 97 12.91 -24.75 -17.44
CA ARG E 97 12.61 -23.94 -18.63
C ARG E 97 12.54 -24.78 -19.91
N TYR E 98 12.65 -26.10 -19.78
CA TYR E 98 12.70 -26.97 -20.96
C TYR E 98 11.43 -26.84 -21.80
N VAL E 99 11.51 -26.80 -23.11
CA VAL E 99 10.28 -26.75 -23.92
C VAL E 99 10.19 -27.95 -24.84
N ASP E 100 8.97 -28.38 -25.11
CA ASP E 100 8.74 -29.36 -26.16
C ASP E 100 7.33 -29.19 -26.74
N GLY E 101 6.90 -30.18 -27.52
CA GLY E 101 5.66 -30.08 -28.28
C GLY E 101 4.41 -30.28 -27.43
N ASN E 102 4.58 -30.55 -26.14
CA ASN E 102 3.43 -30.84 -25.29
C ASN E 102 2.84 -29.63 -24.58
N ASN E 103 3.25 -28.43 -24.99
CA ASN E 103 2.71 -27.20 -24.43
C ASN E 103 2.53 -27.20 -22.92
N THR E 104 3.57 -27.58 -22.17
CA THR E 104 3.49 -27.59 -20.71
C THR E 104 4.80 -27.16 -20.08
N ARG E 105 4.70 -26.66 -18.85
CA ARG E 105 5.88 -26.47 -18.01
C ARG E 105 6.16 -27.80 -17.34
N TYR E 106 7.43 -28.11 -17.13
CA TYR E 106 7.84 -29.35 -16.46
C TYR E 106 8.35 -29.01 -15.07
N LEU E 107 7.83 -29.73 -14.08
CA LEU E 107 8.17 -29.56 -12.66
C LEU E 107 8.97 -30.77 -12.13
N LEU E 108 10.01 -30.50 -11.35
CA LEU E 108 10.68 -31.54 -10.59
C LEU E 108 9.67 -32.25 -9.69
N ASN E 109 9.62 -33.58 -9.81
CA ASN E 109 8.51 -34.35 -9.26
C ASN E 109 8.90 -35.78 -8.97
N ILE E 110 8.36 -36.31 -7.87
CA ILE E 110 8.47 -37.73 -7.56
C ILE E 110 7.35 -38.43 -8.28
N VAL E 111 7.70 -39.16 -9.32
CA VAL E 111 6.68 -39.79 -10.14
C VAL E 111 6.03 -40.97 -9.46
N GLY E 112 6.84 -41.84 -8.90
CA GLY E 112 6.32 -42.92 -8.10
C GLY E 112 7.39 -43.38 -7.16
N GLY E 113 7.00 -43.86 -5.99
CA GLY E 113 8.01 -44.40 -5.10
C GLY E 113 9.05 -43.36 -4.78
N ARG E 114 10.30 -43.70 -5.08
CA ARG E 114 11.46 -42.86 -4.89
C ARG E 114 12.06 -42.37 -6.21
N ASN E 115 11.26 -42.35 -7.26
CA ASN E 115 11.71 -42.01 -8.62
C ASN E 115 11.48 -40.53 -8.94
N VAL E 116 12.57 -39.78 -9.04
CA VAL E 116 12.49 -38.36 -9.34
C VAL E 116 12.75 -38.06 -10.82
N GLN E 117 11.81 -37.35 -11.42
CA GLN E 117 11.88 -36.92 -12.82
C GLN E 117 11.36 -35.49 -12.90
N VAL E 118 11.14 -34.98 -14.11
CA VAL E 118 10.21 -33.85 -14.28
C VAL E 118 8.89 -34.36 -14.87
N THR E 119 7.83 -33.62 -14.56
CA THR E 119 6.46 -34.06 -14.85
C THR E 119 5.66 -32.83 -15.29
N PRO E 120 4.74 -33.01 -16.27
CA PRO E 120 3.87 -31.90 -16.65
C PRO E 120 3.13 -31.32 -15.45
N GLU E 121 3.10 -29.99 -15.39
CA GLU E 121 2.55 -29.25 -14.28
C GLU E 121 1.22 -29.83 -13.75
N ASN E 122 0.27 -30.09 -14.64
CA ASN E 122 -1.07 -30.55 -14.21
C ASN E 122 -1.08 -31.97 -13.64
N GLU E 123 0.07 -32.66 -13.69
CA GLU E 123 0.16 -34.04 -13.23
C GLU E 123 1.15 -34.17 -12.06
N ALA E 124 1.86 -33.08 -11.76
CA ALA E 124 2.93 -33.13 -10.77
C ALA E 124 2.39 -33.03 -9.36
N ASN E 125 2.04 -34.17 -8.76
CA ASN E 125 1.36 -34.22 -7.47
C ASN E 125 2.28 -34.48 -6.28
N GLN E 126 3.58 -34.66 -6.53
CA GLN E 126 4.54 -34.82 -5.45
C GLN E 126 5.74 -33.94 -5.73
N ALA E 127 5.48 -32.66 -5.93
CA ALA E 127 6.45 -31.76 -6.54
C ALA E 127 6.87 -30.60 -5.64
N ARG E 128 6.69 -30.74 -4.33
CA ARG E 128 7.12 -29.72 -3.38
C ARG E 128 8.58 -29.95 -2.98
N TRP E 129 9.36 -28.87 -2.95
CA TRP E 129 10.78 -28.94 -2.59
C TRP E 129 11.16 -27.79 -1.68
N LYS E 130 12.21 -28.01 -0.88
CA LYS E 130 12.78 -27.00 -0.03
C LYS E 130 14.28 -26.90 -0.32
N PRO E 131 14.74 -25.76 -0.88
CA PRO E 131 16.19 -25.62 -1.05
C PRO E 131 16.78 -25.34 0.34
N THR E 132 17.56 -26.27 0.87
CA THR E 132 17.95 -26.21 2.28
C THR E 132 19.42 -25.88 2.42
N LEU E 133 19.72 -24.74 3.03
CA LEU E 133 21.10 -24.26 3.17
C LEU E 133 22.00 -25.30 3.87
N GLN E 134 23.20 -25.52 3.34
CA GLN E 134 24.14 -26.45 3.96
C GLN E 134 25.00 -25.72 5.00
N MET F 4 18.68 -19.08 18.32
CA MET F 4 17.53 -19.90 18.71
C MET F 4 16.89 -19.37 19.99
N ALA F 5 15.62 -19.00 19.91
CA ALA F 5 14.83 -18.60 21.07
C ALA F 5 14.30 -19.79 21.84
N HIS F 6 14.60 -19.88 23.12
CA HIS F 6 14.04 -20.93 23.95
C HIS F 6 12.64 -20.55 24.46
N VAL F 7 11.70 -21.47 24.24
CA VAL F 7 10.30 -21.25 24.50
C VAL F 7 9.66 -22.45 25.21
N THR F 8 8.59 -22.14 25.96
CA THR F 8 7.62 -23.16 26.30
C THR F 8 6.58 -23.17 25.19
N LEU F 9 5.95 -24.30 24.99
CA LEU F 9 4.86 -24.40 24.04
C LEU F 9 3.59 -24.57 24.84
N GLN F 10 2.89 -23.47 25.08
CA GLN F 10 1.71 -23.47 25.93
C GLN F 10 0.44 -23.49 25.11
N SER F 11 -0.52 -24.31 25.53
CA SER F 11 -1.84 -24.37 24.91
C SER F 11 -2.63 -23.11 25.15
N LEU F 12 -3.37 -22.69 24.12
CA LEU F 12 -4.40 -21.69 24.30
C LEU F 12 -5.79 -22.33 24.26
N SER F 13 -5.82 -23.66 24.27
CA SER F 13 -7.08 -24.41 24.19
C SER F 13 -7.39 -25.09 25.53
N ASN F 14 -6.44 -24.97 26.46
CA ASN F 14 -6.54 -25.54 27.81
C ASN F 14 -5.99 -24.50 28.78
N ASN F 15 -6.63 -24.30 29.91
CA ASN F 15 -6.25 -23.22 30.81
C ASN F 15 -4.86 -23.33 31.42
N ASP F 16 -4.30 -24.56 31.47
CA ASP F 16 -2.93 -24.69 31.91
C ASP F 16 -2.31 -25.99 31.41
N LEU F 17 -1.78 -25.93 30.19
CA LEU F 17 -1.09 -27.07 29.60
C LEU F 17 0.08 -26.63 28.72
N CYS F 18 1.22 -27.27 28.94
CA CYS F 18 2.46 -27.06 28.18
C CYS F 18 2.95 -28.40 27.63
N LEU F 19 3.50 -28.38 26.43
CA LEU F 19 4.11 -29.57 25.84
C LEU F 19 5.32 -29.99 26.67
N ASP F 20 5.34 -31.25 27.06
CA ASP F 20 6.18 -31.72 28.15
C ASP F 20 6.80 -33.08 27.80
N VAL F 21 8.11 -33.24 27.99
CA VAL F 21 8.76 -34.54 27.80
C VAL F 21 8.57 -35.36 29.07
N TYR F 22 7.71 -36.38 28.99
CA TYR F 22 7.52 -37.32 30.10
C TYR F 22 8.71 -38.23 30.23
N GLY F 23 9.26 -38.64 29.09
CA GLY F 23 10.38 -39.55 29.05
C GLY F 23 9.92 -41.00 29.16
N GLU F 24 10.81 -41.85 29.63
CA GLU F 24 10.53 -43.28 29.77
C GLU F 24 11.05 -43.73 31.12
N ASN F 25 10.16 -44.22 31.97
CA ASN F 25 10.54 -44.83 33.25
C ASN F 25 11.28 -43.86 34.16
N GLY F 26 10.92 -42.57 34.06
CA GLY F 26 11.43 -41.55 34.95
C GLY F 26 12.59 -40.76 34.35
N ASP F 27 13.28 -41.35 33.38
CA ASP F 27 14.38 -40.67 32.69
C ASP F 27 13.82 -39.79 31.55
N LYS F 28 13.99 -38.47 31.69
CA LYS F 28 13.48 -37.49 30.75
C LYS F 28 14.36 -37.33 29.51
N THR F 29 15.56 -37.91 29.55
CA THR F 29 16.58 -37.61 28.55
C THR F 29 16.66 -38.67 27.45
N VAL F 30 15.95 -39.78 27.62
CA VAL F 30 16.12 -40.92 26.73
C VAL F 30 15.51 -40.70 25.35
N ALA F 31 16.18 -41.23 24.35
CA ALA F 31 15.66 -41.26 23.00
C ALA F 31 14.40 -42.14 23.00
N GLY F 32 13.34 -41.71 22.33
CA GLY F 32 12.11 -42.46 22.36
C GLY F 32 11.17 -42.07 23.51
N GLY F 33 11.59 -41.11 24.33
CA GLY F 33 10.76 -40.70 25.45
C GLY F 33 9.46 -40.09 24.96
N SER F 34 8.39 -40.35 25.71
CA SER F 34 7.06 -39.85 25.40
C SER F 34 6.99 -38.34 25.58
N VAL F 35 6.23 -37.66 24.71
CA VAL F 35 5.89 -36.23 24.86
C VAL F 35 4.39 -36.07 24.96
N ASN F 36 3.95 -35.34 25.98
CA ASN F 36 2.53 -35.10 26.20
C ASN F 36 2.35 -33.75 26.91
N GLY F 37 1.24 -33.57 27.61
CA GLY F 37 0.93 -32.29 28.24
C GLY F 37 1.10 -32.33 29.74
N TRP F 38 1.36 -31.17 30.34
CA TRP F 38 1.43 -31.04 31.79
C TRP F 38 1.18 -29.59 32.17
N SER F 39 0.86 -29.32 33.44
CA SER F 39 0.79 -27.96 33.91
C SER F 39 2.11 -27.27 33.62
N CYS F 40 2.07 -26.00 33.26
CA CYS F 40 3.27 -25.26 32.85
C CYS F 40 4.15 -24.92 34.05
N HIS F 41 5.45 -25.26 33.96
CA HIS F 41 6.41 -24.87 35.00
C HIS F 41 7.75 -24.36 34.44
N GLY F 42 8.01 -24.58 33.17
CA GLY F 42 9.19 -24.00 32.54
C GLY F 42 10.53 -24.65 32.85
N SER F 43 10.49 -25.78 33.52
CA SER F 43 11.69 -26.55 33.76
C SER F 43 12.17 -27.14 32.43
N TRP F 44 13.38 -27.68 32.43
CA TRP F 44 14.06 -28.09 31.19
C TRP F 44 13.25 -29.03 30.29
N ASN F 45 12.43 -29.92 30.85
CA ASN F 45 11.65 -30.81 30.00
C ASN F 45 10.40 -30.15 29.39
N GLN F 46 10.25 -28.83 29.59
CA GLN F 46 9.18 -28.06 28.94
C GLN F 46 9.75 -26.95 28.06
N VAL F 47 11.07 -26.91 27.94
CA VAL F 47 11.71 -25.90 27.11
C VAL F 47 12.12 -26.49 25.75
N TRP F 48 11.82 -25.70 24.71
CA TRP F 48 12.03 -26.09 23.32
C TRP F 48 12.71 -24.97 22.53
N GLY F 49 13.38 -25.35 21.45
CA GLY F 49 14.02 -24.40 20.56
C GLY F 49 13.79 -24.84 19.14
N LEU F 50 13.34 -23.92 18.29
CA LEU F 50 13.13 -24.23 16.87
C LEU F 50 14.43 -24.00 16.11
N ASP F 51 15.01 -25.03 15.49
CA ASP F 51 16.34 -24.84 14.90
C ASP F 51 16.20 -24.49 13.42
N LYS F 52 17.34 -24.37 12.74
CA LYS F 52 17.36 -23.89 11.37
C LYS F 52 16.77 -24.94 10.41
N GLU F 53 16.60 -26.17 10.88
CA GLU F 53 16.00 -27.23 10.06
C GLU F 53 14.52 -27.43 10.37
N GLU F 54 13.95 -26.50 11.13
CA GLU F 54 12.54 -26.50 11.52
C GLU F 54 12.21 -27.61 12.52
N ARG F 55 13.22 -28.06 13.25
CA ARG F 55 12.98 -29.04 14.29
C ARG F 55 12.82 -28.39 15.65
N TYR F 56 11.91 -28.94 16.48
CA TYR F 56 11.83 -28.45 17.85
C TYR F 56 12.69 -29.31 18.76
N ARG F 57 13.84 -28.75 19.13
CA ARG F 57 14.80 -29.41 20.03
C ARG F 57 14.37 -29.18 21.46
N SER F 58 14.36 -30.27 22.22
CA SER F 58 14.07 -30.22 23.64
C SER F 58 15.33 -29.92 24.41
N ARG F 59 15.18 -29.21 25.53
CA ARG F 59 16.31 -28.95 26.39
C ARG F 59 16.66 -30.12 27.33
N VAL F 60 15.98 -31.25 27.26
CA VAL F 60 16.28 -32.34 28.23
C VAL F 60 17.68 -32.91 28.04
N ALA F 61 18.20 -32.83 26.80
CA ALA F 61 19.52 -33.35 26.46
C ALA F 61 19.89 -32.97 25.03
N SER F 62 21.15 -33.21 24.65
CA SER F 62 21.53 -33.12 23.25
C SER F 62 20.68 -34.02 22.39
N ASP F 63 20.36 -33.54 21.21
CA ASP F 63 19.95 -34.37 20.09
C ASP F 63 18.65 -35.07 20.38
N ARG F 64 17.69 -34.29 20.89
CA ARG F 64 16.35 -34.78 21.18
C ARG F 64 15.31 -33.86 20.54
N CYS F 65 14.76 -34.31 19.41
CA CYS F 65 13.82 -33.50 18.63
C CYS F 65 12.43 -34.09 18.70
N LEU F 66 11.44 -33.19 18.78
CA LEU F 66 10.03 -33.53 18.77
C LEU F 66 9.63 -34.24 17.48
N THR F 67 9.05 -35.42 17.61
CA THR F 67 8.89 -36.34 16.50
C THR F 67 7.48 -36.93 16.44
N VAL F 68 6.87 -36.79 15.28
CA VAL F 68 5.63 -37.48 14.98
C VAL F 68 5.89 -38.94 14.70
N ASN F 69 5.26 -39.81 15.47
CA ASN F 69 5.38 -41.25 15.23
C ASN F 69 4.30 -41.72 14.26
N ALA F 70 4.46 -42.95 13.77
CA ALA F 70 3.51 -43.51 12.81
C ALA F 70 2.08 -43.54 13.34
N ASP F 71 1.92 -43.76 14.65
CA ASP F 71 0.60 -43.79 15.26
C ASP F 71 0.12 -42.42 15.72
N LYS F 72 0.89 -41.37 15.35
CA LYS F 72 0.57 -39.96 15.57
C LYS F 72 0.84 -39.48 16.99
N THR F 73 1.47 -40.35 17.78
CA THR F 73 1.92 -39.94 19.11
C THR F 73 3.23 -39.21 18.98
N LEU F 74 3.63 -38.51 20.04
CA LEU F 74 4.84 -37.70 20.01
C LEU F 74 5.90 -38.25 20.93
N THR F 75 7.13 -38.26 20.44
CA THR F 75 8.29 -38.59 21.24
C THR F 75 9.41 -37.60 20.95
N VAL F 76 10.50 -37.71 21.72
CA VAL F 76 11.75 -37.08 21.33
C VAL F 76 12.68 -38.17 20.81
N GLU F 77 13.40 -37.82 19.76
CA GLU F 77 14.27 -38.76 19.04
C GLU F 77 15.54 -38.04 18.57
N GLN F 78 16.55 -38.82 18.19
CA GLN F 78 17.71 -38.25 17.53
C GLN F 78 17.24 -37.37 16.35
N CYS F 79 17.88 -36.22 16.19
CA CYS F 79 17.54 -35.23 15.16
C CYS F 79 18.10 -35.65 13.80
N GLY F 80 17.23 -35.75 12.81
CA GLY F 80 17.61 -36.11 11.46
C GLY F 80 16.84 -35.23 10.47
N ALA F 81 16.70 -35.73 9.25
CA ALA F 81 16.17 -34.95 8.12
C ALA F 81 14.68 -35.18 7.92
N ASN F 82 14.10 -36.15 8.63
CA ASN F 82 12.73 -36.58 8.35
C ASN F 82 11.68 -35.47 8.55
N LEU F 83 10.71 -35.39 7.64
CA LEU F 83 9.67 -34.37 7.75
C LEU F 83 8.85 -34.57 9.04
N ALA F 84 8.90 -35.78 9.59
CA ALA F 84 8.19 -36.08 10.84
C ALA F 84 8.72 -35.27 12.02
N GLN F 85 9.87 -34.64 11.82
CA GLN F 85 10.49 -33.79 12.83
C GLN F 85 10.43 -32.31 12.49
N LYS F 86 9.73 -31.94 11.43
CA LYS F 86 9.73 -30.56 10.98
C LYS F 86 8.40 -29.91 11.28
N TRP F 87 8.47 -28.68 11.78
CA TRP F 87 7.32 -27.98 12.32
C TRP F 87 7.30 -26.53 11.83
N TYR F 88 6.10 -25.99 11.57
CA TYR F 88 5.98 -24.58 11.22
C TYR F 88 4.67 -23.99 11.75
N TRP F 89 4.69 -22.68 11.97
CA TRP F 89 3.54 -21.97 12.52
C TRP F 89 2.67 -21.34 11.47
N GLU F 90 1.36 -21.40 11.68
CA GLU F 90 0.40 -20.52 11.01
C GLU F 90 -0.50 -19.95 12.08
N GLY F 91 -0.30 -18.69 12.43
CA GLY F 91 -1.04 -18.12 13.55
C GLY F 91 -0.73 -18.93 14.81
N ASP F 92 -1.76 -19.40 15.50
CA ASP F 92 -1.51 -20.15 16.74
C ASP F 92 -1.59 -21.66 16.50
N LYS F 93 -1.52 -22.06 15.23
CA LYS F 93 -1.49 -23.47 14.87
C LYS F 93 -0.06 -23.89 14.59
N LEU F 94 0.33 -25.03 15.17
CA LEU F 94 1.64 -25.61 15.00
C LEU F 94 1.49 -26.87 14.15
N ILE F 95 2.06 -26.82 12.97
CA ILE F 95 1.76 -27.80 11.92
C ILE F 95 2.96 -28.66 11.59
N SER F 96 2.76 -29.98 11.53
CA SER F 96 3.81 -30.91 11.11
C SER F 96 3.98 -30.95 9.57
N ARG F 97 5.21 -31.15 9.11
CA ARG F 97 5.43 -31.38 7.67
C ARG F 97 5.23 -32.84 7.26
N TYR F 98 4.87 -33.69 8.23
CA TYR F 98 4.63 -35.08 7.96
C TYR F 98 3.62 -35.32 6.83
N VAL F 99 3.95 -36.24 5.94
CA VAL F 99 3.03 -36.60 4.86
C VAL F 99 2.67 -38.08 4.91
N ASP F 100 1.45 -38.39 4.49
CA ASP F 100 1.01 -39.76 4.27
C ASP F 100 -0.05 -39.77 3.18
N GLY F 101 -0.76 -40.88 3.04
CA GLY F 101 -1.73 -41.03 1.97
C GLY F 101 -3.13 -40.46 2.23
N ASN F 102 -3.31 -39.76 3.34
CA ASN F 102 -4.65 -39.27 3.70
C ASN F 102 -4.97 -37.84 3.24
N ASN F 103 -4.08 -37.26 2.44
CA ASN F 103 -4.26 -35.89 1.94
C ASN F 103 -4.67 -34.90 3.05
N THR F 104 -3.78 -34.70 4.02
CA THR F 104 -4.07 -33.77 5.11
C THR F 104 -2.83 -33.30 5.84
N ARG F 105 -2.91 -32.10 6.37
CA ARG F 105 -1.92 -31.63 7.29
C ARG F 105 -2.25 -32.12 8.70
N TYR F 106 -1.22 -32.40 9.48
CA TYR F 106 -1.38 -32.77 10.86
C TYR F 106 -0.96 -31.64 11.78
N LEU F 107 -1.83 -31.34 12.75
CA LEU F 107 -1.64 -30.28 13.74
C LEU F 107 -1.41 -30.81 15.16
N LEU F 108 -0.49 -30.16 15.87
CA LEU F 108 -0.34 -30.38 17.28
C LEU F 108 -1.67 -30.09 17.97
N ASN F 109 -2.18 -31.09 18.69
CA ASN F 109 -3.55 -31.08 19.19
C ASN F 109 -3.70 -31.88 20.49
N ILE F 110 -4.47 -31.34 21.45
CA ILE F 110 -4.80 -32.04 22.68
C ILE F 110 -5.94 -32.96 22.34
N VAL F 111 -5.77 -34.25 22.58
CA VAL F 111 -6.76 -35.23 22.17
C VAL F 111 -7.51 -35.82 23.35
N GLY F 112 -7.44 -35.20 24.51
CA GLY F 112 -8.16 -35.65 25.68
C GLY F 112 -7.26 -35.58 26.89
N GLY F 113 -7.75 -34.95 27.97
CA GLY F 113 -6.96 -34.82 29.18
C GLY F 113 -5.60 -34.17 28.89
N ARG F 114 -4.53 -34.78 29.38
CA ARG F 114 -3.18 -34.28 29.10
C ARG F 114 -2.52 -35.00 27.90
N ASN F 115 -3.30 -35.75 27.13
CA ASN F 115 -2.75 -36.41 25.93
C ASN F 115 -2.60 -35.44 24.75
N VAL F 116 -1.39 -35.34 24.20
CA VAL F 116 -1.12 -34.46 23.08
C VAL F 116 -0.57 -35.32 21.94
N GLN F 117 -1.11 -35.13 20.74
CA GLN F 117 -0.71 -35.91 19.57
C GLN F 117 -0.77 -34.97 18.38
N VAL F 118 -0.63 -35.48 17.15
CA VAL F 118 -1.07 -34.68 16.01
C VAL F 118 -2.36 -35.28 15.46
N THR F 119 -3.17 -34.39 14.87
CA THR F 119 -4.54 -34.66 14.47
C THR F 119 -4.76 -34.03 13.10
N PRO F 120 -5.49 -34.71 12.20
CA PRO F 120 -5.81 -34.10 10.91
C PRO F 120 -6.43 -32.71 11.08
N GLU F 121 -5.93 -31.76 10.30
CA GLU F 121 -6.31 -30.36 10.39
C GLU F 121 -7.83 -30.11 10.61
N ASN F 122 -8.66 -30.78 9.81
CA ASN F 122 -10.10 -30.56 9.86
C ASN F 122 -10.74 -31.05 11.15
N GLU F 123 -10.01 -31.83 11.96
CA GLU F 123 -10.57 -32.37 13.22
C GLU F 123 -9.79 -31.91 14.45
N ALA F 124 -8.82 -31.02 14.26
CA ALA F 124 -7.97 -30.55 15.36
C ALA F 124 -8.60 -29.37 16.09
N ASN F 125 -9.39 -29.68 17.12
CA ASN F 125 -10.22 -28.67 17.79
C ASN F 125 -9.63 -28.11 19.08
N GLN F 126 -8.54 -28.70 19.56
CA GLN F 126 -7.83 -28.18 20.74
C GLN F 126 -6.39 -27.93 20.36
N ALA F 127 -6.20 -27.16 19.30
CA ALA F 127 -4.91 -27.09 18.62
C ALA F 127 -4.27 -25.70 18.58
N ARG F 128 -4.65 -24.83 19.52
CA ARG F 128 -4.04 -23.51 19.61
C ARG F 128 -2.87 -23.55 20.60
N TRP F 129 -1.77 -22.91 20.20
CA TRP F 129 -0.55 -22.90 20.96
C TRP F 129 0.09 -21.52 20.90
N LYS F 130 0.93 -21.23 21.89
CA LYS F 130 1.71 -20.01 21.93
C LYS F 130 3.14 -20.37 22.29
N PRO F 131 4.08 -20.11 21.37
CA PRO F 131 5.50 -20.24 21.71
C PRO F 131 5.91 -19.07 22.60
N THR F 132 6.26 -19.36 23.84
CA THR F 132 6.33 -18.39 24.91
C THR F 132 7.76 -18.26 25.38
N LEU F 133 8.36 -17.10 25.09
CA LEU F 133 9.74 -16.81 25.42
C LEU F 133 10.01 -17.14 26.89
N GLN F 134 11.05 -17.93 27.16
CA GLN F 134 11.32 -18.37 28.52
C GLN F 134 11.62 -17.16 29.40
N GLN F 135 10.94 -17.11 30.55
CA GLN F 135 11.03 -15.98 31.45
C GLN F 135 12.35 -15.98 32.23
N MET G 4 6.79 -1.51 29.62
CA MET G 4 5.40 -1.72 30.06
C MET G 4 4.76 -0.40 30.46
N ALA G 5 3.65 -0.07 29.82
CA ALA G 5 2.98 1.20 30.06
C ALA G 5 1.94 1.06 31.19
N HIS G 6 1.99 1.97 32.14
CA HIS G 6 1.03 1.95 33.23
C HIS G 6 -0.25 2.70 32.84
N VAL G 7 -1.38 2.03 33.01
CA VAL G 7 -2.66 2.58 32.62
C VAL G 7 -3.68 2.45 33.72
N THR G 8 -4.70 3.31 33.66
CA THR G 8 -5.95 3.01 34.31
C THR G 8 -6.80 2.33 33.26
N LEU G 9 -7.72 1.49 33.71
CA LEU G 9 -8.70 0.85 32.87
C LEU G 9 -10.06 1.47 33.15
N GLN G 10 -10.39 2.48 32.34
CA GLN G 10 -11.63 3.21 32.51
C GLN G 10 -12.73 2.71 31.59
N SER G 11 -13.92 2.51 32.15
CA SER G 11 -15.09 2.15 31.36
C SER G 11 -15.52 3.24 30.37
N LEU G 12 -15.93 2.82 29.17
CA LEU G 12 -16.60 3.72 28.24
C LEU G 12 -18.10 3.42 28.20
N SER G 13 -18.53 2.53 29.09
CA SER G 13 -19.93 2.16 29.21
C SER G 13 -20.57 2.75 30.46
N ASN G 14 -19.81 3.55 31.22
CA ASN G 14 -20.25 4.12 32.49
C ASN G 14 -19.52 5.44 32.62
N ASN G 15 -20.17 6.50 33.07
CA ASN G 15 -19.54 7.82 32.97
C ASN G 15 -18.37 8.03 33.92
N ASP G 16 -18.22 7.14 34.88
CA ASP G 16 -17.10 7.23 35.80
C ASP G 16 -16.92 5.91 36.57
N LEU G 17 -16.27 4.98 35.92
CA LEU G 17 -15.90 3.72 36.55
C LEU G 17 -14.55 3.26 36.00
N CYS G 18 -13.62 2.98 36.92
CA CYS G 18 -12.33 2.38 36.61
C CYS G 18 -12.16 1.01 37.32
N LEU G 19 -11.43 0.11 36.71
CA LEU G 19 -11.12 -1.17 37.36
C LEU G 19 -10.21 -0.95 38.57
N ASP G 20 -10.63 -1.49 39.72
CA ASP G 20 -10.12 -1.09 41.01
C ASP G 20 -9.97 -2.30 41.93
N VAL G 21 -8.79 -2.43 42.54
CA VAL G 21 -8.53 -3.45 43.55
C VAL G 21 -9.10 -2.98 44.88
N TYR G 22 -10.22 -3.59 45.31
CA TYR G 22 -10.81 -3.26 46.59
C TYR G 22 -9.97 -3.84 47.71
N GLY G 23 -9.34 -4.98 47.43
CA GLY G 23 -8.61 -5.68 48.45
C GLY G 23 -9.48 -6.59 49.29
N GLU G 24 -9.00 -6.82 50.51
CA GLU G 24 -9.67 -7.66 51.48
C GLU G 24 -9.22 -7.22 52.86
N ASN G 25 -10.19 -6.87 53.71
CA ASN G 25 -9.94 -6.46 55.10
C ASN G 25 -9.27 -5.08 55.23
N GLY G 26 -9.45 -4.24 54.23
CA GLY G 26 -8.89 -2.89 54.25
C GLY G 26 -7.52 -2.83 53.62
N ASP G 27 -6.97 -4.02 53.32
CA ASP G 27 -5.64 -4.15 52.75
C ASP G 27 -5.72 -4.37 51.24
N LYS G 28 -5.26 -3.40 50.45
CA LYS G 28 -5.39 -3.53 48.99
C LYS G 28 -4.24 -4.32 48.36
N THR G 29 -3.25 -4.69 49.15
CA THR G 29 -2.08 -5.37 48.63
C THR G 29 -2.21 -6.89 48.66
N VAL G 30 -3.26 -7.40 49.29
CA VAL G 30 -3.31 -8.82 49.67
C VAL G 30 -3.55 -9.73 48.48
N ALA G 31 -2.79 -10.82 48.40
CA ALA G 31 -3.10 -11.88 47.44
C ALA G 31 -4.54 -12.35 47.66
N GLY G 32 -5.30 -12.49 46.59
CA GLY G 32 -6.70 -12.90 46.66
C GLY G 32 -7.69 -11.74 46.83
N GLY G 33 -7.19 -10.50 46.87
CA GLY G 33 -8.09 -9.37 47.05
C GLY G 33 -9.05 -9.17 45.88
N SER G 34 -10.25 -8.68 46.19
CA SER G 34 -11.32 -8.52 45.22
C SER G 34 -11.05 -7.35 44.25
N VAL G 35 -11.50 -7.53 43.01
CA VAL G 35 -11.45 -6.50 41.98
C VAL G 35 -12.86 -6.19 41.51
N ASN G 36 -13.16 -4.92 41.43
CA ASN G 36 -14.45 -4.42 41.01
C ASN G 36 -14.29 -3.00 40.45
N GLY G 37 -15.37 -2.24 40.34
CA GLY G 37 -15.33 -0.92 39.80
C GLY G 37 -15.42 0.21 40.82
N TRP G 38 -14.84 1.36 40.49
CA TRP G 38 -14.88 2.51 41.41
C TRP G 38 -14.71 3.80 40.62
N SER G 39 -15.18 4.91 41.17
CA SER G 39 -14.89 6.23 40.61
C SER G 39 -13.41 6.33 40.32
N CYS G 40 -13.07 6.91 39.18
CA CYS G 40 -11.66 6.99 38.77
C CYS G 40 -10.92 8.02 39.61
N HIS G 41 -9.80 7.61 40.20
CA HIS G 41 -8.94 8.53 40.93
C HIS G 41 -7.46 8.30 40.59
N GLY G 42 -7.14 7.18 39.94
CA GLY G 42 -5.81 6.98 39.41
C GLY G 42 -4.73 6.62 40.42
N SER G 43 -5.14 6.38 41.67
CA SER G 43 -4.23 5.86 42.68
C SER G 43 -3.75 4.43 42.35
N TRP G 44 -2.80 3.94 43.14
CA TRP G 44 -2.08 2.69 42.86
C TRP G 44 -2.99 1.49 42.63
N ASN G 45 -4.10 1.43 43.35
CA ASN G 45 -5.01 0.30 43.20
C ASN G 45 -5.92 0.42 41.99
N GLN G 46 -5.69 1.45 41.16
CA GLN G 46 -6.39 1.56 39.87
C GLN G 46 -5.40 1.58 38.68
N VAL G 47 -4.12 1.35 38.96
CA VAL G 47 -3.11 1.38 37.92
C VAL G 47 -2.69 -0.04 37.60
N TRP G 48 -2.63 -0.31 36.30
CA TRP G 48 -2.39 -1.64 35.77
C TRP G 48 -1.31 -1.59 34.70
N GLY G 49 -0.61 -2.71 34.51
CA GLY G 49 0.37 -2.83 33.44
C GLY G 49 0.22 -4.21 32.78
N LEU G 50 0.23 -4.23 31.45
CA LEU G 50 0.11 -5.50 30.72
C LEU G 50 1.51 -6.05 30.47
N ASP G 51 1.81 -7.25 30.98
CA ASP G 51 3.18 -7.76 30.93
C ASP G 51 3.37 -8.66 29.72
N LYS G 52 4.57 -9.21 29.58
CA LYS G 52 4.95 -9.97 28.38
C LYS G 52 4.15 -11.26 28.22
N GLU G 53 3.49 -11.69 29.30
CA GLU G 53 2.72 -12.94 29.34
C GLU G 53 1.22 -12.68 29.24
N GLU G 54 0.88 -11.43 28.90
CA GLU G 54 -0.51 -10.99 28.71
C GLU G 54 -1.28 -10.93 30.03
N ARG G 55 -0.55 -10.76 31.12
CA ARG G 55 -1.19 -10.60 32.44
C ARG G 55 -1.28 -9.14 32.81
N TYR G 56 -2.39 -8.75 33.42
CA TYR G 56 -2.56 -7.37 33.87
C TYR G 56 -2.12 -7.29 35.32
N ARG G 57 -0.92 -6.77 35.51
CA ARG G 57 -0.38 -6.60 36.85
C ARG G 57 -0.89 -5.31 37.48
N SER G 58 -1.32 -5.45 38.73
CA SER G 58 -1.76 -4.31 39.50
C SER G 58 -0.55 -3.63 40.09
N ARG G 59 -0.58 -2.31 40.12
CA ARG G 59 0.49 -1.56 40.77
C ARG G 59 0.38 -1.56 42.30
N VAL G 60 -0.60 -2.27 42.88
CA VAL G 60 -0.77 -2.23 44.35
C VAL G 60 0.41 -2.83 45.08
N ALA G 61 1.01 -3.84 44.46
CA ALA G 61 2.15 -4.55 45.04
C ALA G 61 2.71 -5.51 44.00
N SER G 62 3.85 -6.09 44.33
CA SER G 62 4.48 -7.12 43.50
C SER G 62 3.58 -8.32 43.33
N ASP G 63 3.59 -8.91 42.14
CA ASP G 63 3.03 -10.24 41.97
C ASP G 63 1.53 -10.26 42.27
N ARG G 64 0.82 -9.31 41.67
CA ARG G 64 -0.63 -9.27 41.75
C ARG G 64 -1.19 -9.16 40.36
N CYS G 65 -1.75 -10.25 39.85
CA CYS G 65 -2.29 -10.29 38.49
C CYS G 65 -3.79 -10.43 38.50
N LEU G 66 -4.43 -9.74 37.58
CA LEU G 66 -5.89 -9.79 37.41
C LEU G 66 -6.35 -11.18 36.99
N THR G 67 -7.24 -11.78 37.77
CA THR G 67 -7.55 -13.20 37.66
C THR G 67 -9.04 -13.48 37.58
N VAL G 68 -9.45 -14.22 36.56
CA VAL G 68 -10.80 -14.75 36.42
C VAL G 68 -10.93 -15.96 37.36
N ASN G 69 -11.92 -15.89 38.24
CA ASN G 69 -12.23 -16.94 39.18
C ASN G 69 -13.30 -17.87 38.61
N ALA G 70 -13.47 -19.03 39.25
CA ALA G 70 -14.39 -20.06 38.77
C ALA G 70 -15.80 -19.49 38.60
N ASP G 71 -16.20 -18.56 39.48
CA ASP G 71 -17.55 -17.99 39.44
C ASP G 71 -17.62 -16.71 38.61
N LYS G 72 -16.53 -16.41 37.91
CA LYS G 72 -16.38 -15.30 36.95
C LYS G 72 -16.20 -13.94 37.64
N THR G 73 -16.06 -13.94 38.95
CA THR G 73 -15.58 -12.76 39.63
C THR G 73 -14.08 -12.57 39.39
N LEU G 74 -13.59 -11.39 39.76
CA LEU G 74 -12.20 -10.98 39.59
C LEU G 74 -11.46 -10.75 40.90
N THR G 75 -10.21 -11.21 40.95
CA THR G 75 -9.33 -10.94 42.06
C THR G 75 -7.92 -10.63 41.55
N VAL G 76 -7.04 -10.24 42.47
CA VAL G 76 -5.62 -10.23 42.17
C VAL G 76 -4.99 -11.42 42.88
N GLU G 77 -4.17 -12.17 42.14
CA GLU G 77 -3.49 -13.36 42.63
C GLU G 77 -2.03 -13.35 42.20
N GLN G 78 -1.23 -14.17 42.86
CA GLN G 78 0.15 -14.42 42.45
C GLN G 78 0.13 -14.75 40.97
N CYS G 79 1.15 -14.32 40.23
CA CYS G 79 1.14 -14.42 38.77
C CYS G 79 1.75 -15.76 38.36
N GLY G 80 1.02 -16.50 37.53
CA GLY G 80 1.45 -17.83 37.05
C GLY G 80 1.04 -17.96 35.60
N ALA G 81 0.85 -19.19 35.13
CA ALA G 81 0.74 -19.48 33.69
C ALA G 81 -0.70 -19.63 33.20
N ASN G 82 -1.67 -19.67 34.12
CA ASN G 82 -3.05 -19.94 33.75
C ASN G 82 -3.66 -18.94 32.77
N LEU G 83 -4.45 -19.45 31.83
CA LEU G 83 -5.12 -18.58 30.85
C LEU G 83 -6.12 -17.63 31.58
N ALA G 84 -6.54 -18.00 32.78
CA ALA G 84 -7.45 -17.14 33.56
C ALA G 84 -6.78 -15.81 33.98
N GLN G 85 -5.47 -15.72 33.78
CA GLN G 85 -4.76 -14.47 34.02
C GLN G 85 -4.32 -13.77 32.73
N LYS G 86 -4.72 -14.29 31.58
CA LYS G 86 -4.29 -13.70 30.31
C LYS G 86 -5.40 -12.89 29.68
N TRP G 87 -5.02 -11.73 29.16
CA TRP G 87 -5.94 -10.78 28.59
C TRP G 87 -5.45 -10.21 27.27
N TYR G 88 -6.37 -9.89 26.37
CA TYR G 88 -6.02 -9.23 25.13
C TYR G 88 -7.14 -8.32 24.67
N TRP G 89 -6.79 -7.32 23.89
CA TRP G 89 -7.71 -6.29 23.45
C TRP G 89 -8.22 -6.56 22.04
N GLU G 90 -9.50 -6.33 21.82
CA GLU G 90 -9.99 -6.17 20.46
C GLU G 90 -10.77 -4.87 20.42
N GLY G 91 -10.22 -3.83 19.84
CA GLY G 91 -10.87 -2.51 19.91
C GLY G 91 -11.03 -2.12 21.38
N ASP G 92 -12.25 -1.79 21.84
CA ASP G 92 -12.41 -1.36 23.24
C ASP G 92 -12.91 -2.51 24.15
N LYS G 93 -12.84 -3.74 23.62
CA LYS G 93 -13.14 -4.94 24.40
C LYS G 93 -11.88 -5.59 24.96
N LEU G 94 -11.93 -5.94 26.23
CA LEU G 94 -10.85 -6.59 26.93
C LEU G 94 -11.29 -8.03 27.26
N ILE G 95 -10.60 -8.97 26.65
CA ILE G 95 -11.06 -10.36 26.56
C ILE G 95 -10.10 -11.27 27.32
N SER G 96 -10.68 -12.20 28.06
CA SER G 96 -9.91 -13.18 28.79
C SER G 96 -9.61 -14.35 27.87
N ARG G 97 -8.46 -14.99 28.07
CA ARG G 97 -8.14 -16.21 27.35
C ARG G 97 -8.72 -17.43 28.06
N TYR G 98 -9.46 -17.21 29.15
CA TYR G 98 -10.01 -18.33 29.91
C TYR G 98 -10.89 -19.20 29.00
N VAL G 99 -10.77 -20.54 29.09
CA VAL G 99 -11.63 -21.42 28.29
C VAL G 99 -12.49 -22.36 29.14
N ASP G 100 -13.64 -22.75 28.61
CA ASP G 100 -14.47 -23.75 29.25
C ASP G 100 -15.37 -24.44 28.22
N GLY G 101 -16.39 -25.15 28.69
CA GLY G 101 -17.25 -25.93 27.80
C GLY G 101 -18.41 -25.17 27.17
N ASN G 102 -18.48 -23.87 27.41
CA ASN G 102 -19.65 -23.08 27.03
C ASN G 102 -19.55 -22.36 25.67
N ASN G 103 -18.57 -22.77 24.85
CA ASN G 103 -18.34 -22.18 23.54
C ASN G 103 -18.43 -20.64 23.50
N THR G 104 -17.62 -19.97 24.33
CA THR G 104 -17.66 -18.51 24.40
C THR G 104 -16.35 -17.87 24.86
N ARG G 105 -16.13 -16.63 24.43
CA ARG G 105 -15.13 -15.78 25.03
C ARG G 105 -15.76 -14.96 26.17
N TYR G 106 -14.98 -14.73 27.22
CA TYR G 106 -15.46 -13.94 28.37
C TYR G 106 -14.83 -12.56 28.31
N LEU G 107 -15.67 -11.53 28.40
CA LEU G 107 -15.24 -10.13 28.31
C LEU G 107 -15.39 -9.43 29.65
N LEU G 108 -14.42 -8.57 29.95
CA LEU G 108 -14.51 -7.69 31.09
C LEU G 108 -15.79 -6.86 30.94
N ASN G 109 -16.63 -6.85 31.98
CA ASN G 109 -17.97 -6.31 31.83
C ASN G 109 -18.56 -5.82 33.17
N ILE G 110 -19.20 -4.66 33.18
CA ILE G 110 -19.91 -4.19 34.36
C ILE G 110 -21.20 -4.98 34.45
N VAL G 111 -21.48 -5.61 35.59
CA VAL G 111 -22.68 -6.43 35.64
C VAL G 111 -23.78 -5.82 36.50
N GLY G 112 -23.54 -4.65 37.07
CA GLY G 112 -24.56 -4.01 37.89
C GLY G 112 -23.82 -3.22 38.95
N GLY G 113 -24.35 -2.05 39.27
CA GLY G 113 -23.71 -1.16 40.23
C GLY G 113 -22.25 -0.89 39.96
N ARG G 114 -21.43 -1.15 40.97
CA ARG G 114 -19.99 -0.97 40.82
C ARG G 114 -19.29 -2.34 40.63
N ASN G 115 -20.06 -3.38 40.32
CA ASN G 115 -19.52 -4.72 40.17
C ASN G 115 -19.01 -4.94 38.76
N VAL G 116 -17.77 -5.41 38.65
CA VAL G 116 -17.17 -5.79 37.38
C VAL G 116 -16.76 -7.26 37.43
N GLN G 117 -17.14 -7.99 36.38
CA GLN G 117 -16.77 -9.42 36.25
C GLN G 117 -16.42 -9.73 34.80
N VAL G 118 -16.38 -11.02 34.43
CA VAL G 118 -16.38 -11.35 33.02
C VAL G 118 -17.69 -12.04 32.68
N THR G 119 -18.12 -11.82 31.44
CA THR G 119 -19.45 -12.13 30.96
C THR G 119 -19.30 -12.72 29.56
N PRO G 120 -20.11 -13.74 29.22
CA PRO G 120 -20.04 -14.27 27.85
C PRO G 120 -20.25 -13.16 26.81
N GLU G 121 -19.50 -13.25 25.71
CA GLU G 121 -19.42 -12.20 24.72
C GLU G 121 -20.78 -11.71 24.26
N ASN G 122 -21.68 -12.64 23.94
CA ASN G 122 -22.98 -12.27 23.37
C ASN G 122 -23.88 -11.56 24.38
N GLU G 123 -23.48 -11.55 25.65
CA GLU G 123 -24.28 -10.94 26.73
C GLU G 123 -23.56 -9.76 27.40
N ALA G 124 -22.37 -9.43 26.92
CA ALA G 124 -21.56 -8.38 27.57
C ALA G 124 -21.92 -7.00 27.03
N ASN G 125 -22.89 -6.35 27.67
CA ASN G 125 -23.44 -5.09 27.18
C ASN G 125 -22.82 -3.80 27.76
N GLN G 126 -21.94 -3.94 28.75
CA GLN G 126 -21.29 -2.81 29.39
C GLN G 126 -19.81 -3.07 29.47
N ALA G 127 -19.27 -3.37 28.29
CA ALA G 127 -17.99 -4.04 28.18
C ALA G 127 -16.96 -3.21 27.41
N ARG G 128 -17.19 -1.91 27.26
CA ARG G 128 -16.21 -1.05 26.58
C ARG G 128 -15.23 -0.45 27.59
N TRP G 129 -13.94 -0.48 27.26
CA TRP G 129 -12.90 0.03 28.13
C TRP G 129 -11.87 0.82 27.35
N LYS G 130 -11.21 1.72 28.06
CA LYS G 130 -10.12 2.48 27.48
C LYS G 130 -8.92 2.40 28.41
N PRO G 131 -7.82 1.81 27.93
CA PRO G 131 -6.58 1.81 28.71
C PRO G 131 -5.93 3.17 28.56
N THR G 132 -5.91 3.92 29.66
CA THR G 132 -5.52 5.31 29.68
C THR G 132 -4.15 5.49 30.31
N LEU G 133 -3.17 5.95 29.55
CA LEU G 133 -1.82 6.10 30.09
C LEU G 133 -1.82 7.05 31.29
N GLN G 134 -0.94 6.77 32.25
CA GLN G 134 -0.85 7.55 33.48
C GLN G 134 0.46 8.33 33.54
#